data_7Y8L
#
_entry.id   7Y8L
#
_cell.length_a   129.660
_cell.length_b   63.151
_cell.length_c   134.637
_cell.angle_alpha   90.000
_cell.angle_beta   103.580
_cell.angle_gamma   90.000
#
_symmetry.space_group_name_H-M   'C 1 2 1'
#
loop_
_entity.id
_entity.type
_entity.pdbx_description
1 polymer 'reductase for protein'
2 non-polymer 'NADPH DIHYDRO-NICOTINAMIDE-ADENINE-DINUCLEOTIDE PHOSPHATE'
3 non-polymer 5-[2,5-bis(fluoranyl)phenyl]-3,4-dihydro-2~{H}-pyrrole
4 non-polymer 'NADP NICOTINAMIDE-ADENINE-DINUCLEOTIDE PHOSPHATE'
5 water water
#
_entity_poly.entity_id   1
_entity_poly.type   'polypeptide(L)'
_entity_poly.pdbx_seq_one_letter_code
;MSRPAPLTLIGLGPMGQAMGNALLDRGHGLTVWNRTASRADALVERGAVRAPDVAAAVAANELVVLSLTDYDAMYALLGP
AADALAGKVVVNLSSDTPEKTRAGARWIAEHGGTLIAGGVTCPPSGIGSPESSAFYSGPSAAFERHRETLRTLTRTDYRG
EDPGLAALWYQIGMVMWWNAMLGYLQAVALADANGLKAADILPHASDTVAGLPFFLRFYADRIDTGHHGGDADRLAMGTA
SVEHILHTMADSGVDTALPEAVVAFFRRGEAAGYAENSFSSMVELLKKPS
;
_entity_poly.pdbx_strand_id   A,B,C,D
#
loop_
_chem_comp.id
_chem_comp.type
_chem_comp.name
_chem_comp.formula
4IS non-polymer 5-[2,5-bis(fluoranyl)phenyl]-3,4-dihydro-2~{H}-pyrrole 'C10 H9 F2 N'
NAP non-polymer 'NADP NICOTINAMIDE-ADENINE-DINUCLEOTIDE PHOSPHATE' 'C21 H28 N7 O17 P3'
NDP non-polymer 'NADPH DIHYDRO-NICOTINAMIDE-ADENINE-DINUCLEOTIDE PHOSPHATE' 'C21 H30 N7 O17 P3'
#
# COMPACT_ATOMS: atom_id res chain seq x y z
N ARG A 3 -15.48 -22.97 29.33
CA ARG A 3 -16.34 -21.78 29.56
C ARG A 3 -15.37 -20.63 29.74
N PRO A 4 -15.52 -19.48 29.03
CA PRO A 4 -14.67 -18.32 29.30
C PRO A 4 -14.50 -18.09 30.80
N ALA A 5 -13.27 -18.27 31.29
CA ALA A 5 -13.00 -18.15 32.73
C ALA A 5 -13.31 -16.75 33.26
N PRO A 6 -13.74 -16.60 34.54
CA PRO A 6 -13.98 -15.26 35.08
C PRO A 6 -12.70 -14.49 35.42
N LEU A 7 -12.80 -13.17 35.45
CA LEU A 7 -11.61 -12.32 35.70
C LEU A 7 -12.02 -10.93 36.18
N THR A 8 -11.07 -10.20 36.78
CA THR A 8 -11.31 -8.81 37.20
C THR A 8 -10.55 -7.89 36.25
N LEU A 9 -11.15 -6.78 35.84
CA LEU A 9 -10.49 -5.79 34.96
C LEU A 9 -10.44 -4.44 35.66
N ILE A 10 -9.23 -3.92 35.86
CA ILE A 10 -9.05 -2.59 36.50
C ILE A 10 -8.35 -1.69 35.48
N GLY A 11 -8.88 -0.49 35.27
CA GLY A 11 -8.35 0.40 34.24
C GLY A 11 -9.26 0.39 33.04
N LEU A 12 -10.22 1.31 33.01
CA LEU A 12 -11.25 1.28 31.95
C LEU A 12 -11.11 2.52 31.08
N GLY A 13 -9.89 2.81 30.66
CA GLY A 13 -9.69 3.89 29.68
C GLY A 13 -9.91 3.34 28.29
N PRO A 14 -9.43 4.01 27.21
CA PRO A 14 -9.68 3.53 25.87
C PRO A 14 -9.44 2.02 25.72
N MET A 15 -8.32 1.54 26.25
CA MET A 15 -7.93 0.12 26.08
C MET A 15 -8.76 -0.80 26.95
N GLY A 16 -8.94 -0.44 28.21
CA GLY A 16 -9.66 -1.32 29.16
C GLY A 16 -11.13 -1.48 28.83
N GLN A 17 -11.77 -0.41 28.39
CA GLN A 17 -13.19 -0.46 27.98
C GLN A 17 -13.29 -1.47 26.85
N ALA A 18 -12.38 -1.40 25.89
CA ALA A 18 -12.38 -2.32 24.74
C ALA A 18 -12.07 -3.73 25.21
N MET A 19 -11.27 -3.85 26.26
CA MET A 19 -10.95 -5.17 26.85
C MET A 19 -12.23 -5.75 27.46
N GLY A 20 -12.91 -5.00 28.30
CA GLY A 20 -14.15 -5.47 28.92
C GLY A 20 -15.21 -5.84 27.91
N ASN A 21 -15.32 -5.04 26.85
CA ASN A 21 -16.30 -5.31 25.78
C ASN A 21 -15.96 -6.66 25.14
N ALA A 22 -14.69 -6.95 24.93
CA ALA A 22 -14.30 -8.19 24.23
C ALA A 22 -14.43 -9.38 25.17
N LEU A 23 -14.13 -9.20 26.45
CA LEU A 23 -14.30 -10.30 27.43
C LEU A 23 -15.78 -10.62 27.58
N LEU A 24 -16.62 -9.60 27.58
CA LEU A 24 -18.08 -9.82 27.72
C LEU A 24 -18.60 -10.44 26.43
N ASP A 25 -18.09 -9.99 25.30
CA ASP A 25 -18.50 -10.54 23.98
C ASP A 25 -18.27 -12.06 23.95
N ARG A 26 -17.17 -12.55 24.55
CA ARG A 26 -16.85 -14.00 24.53
C ARG A 26 -17.58 -14.71 25.66
N GLY A 27 -17.96 -14.01 26.72
CA GLY A 27 -18.75 -14.64 27.79
C GLY A 27 -18.03 -14.74 29.13
N HIS A 28 -17.01 -13.92 29.35
CA HIS A 28 -16.24 -14.00 30.59
C HIS A 28 -16.99 -13.33 31.72
N GLY A 29 -17.08 -13.98 32.87
CA GLY A 29 -17.66 -13.33 34.05
C GLY A 29 -16.76 -12.18 34.44
N LEU A 30 -17.11 -10.98 34.00
CA LEU A 30 -16.22 -9.83 34.22
C LEU A 30 -16.57 -9.00 35.43
N THR A 31 -15.61 -8.83 36.31
CA THR A 31 -15.77 -7.91 37.45
C THR A 31 -14.93 -6.70 37.06
N VAL A 32 -15.56 -5.53 36.98
CA VAL A 32 -14.81 -4.34 36.51
C VAL A 32 -14.66 -3.36 37.66
N TRP A 33 -13.62 -2.55 37.63
CA TRP A 33 -13.44 -1.45 38.59
C TRP A 33 -12.64 -0.35 37.90
N ASN A 34 -13.09 0.88 38.04
CA ASN A 34 -12.32 2.03 37.51
C ASN A 34 -12.43 3.18 38.49
N ARG A 35 -11.38 3.98 38.59
CA ARG A 35 -11.38 5.16 39.49
C ARG A 35 -12.51 6.07 39.04
N THR A 36 -12.53 6.45 37.76
CA THR A 36 -13.69 7.21 37.23
C THR A 36 -14.81 6.20 36.99
N ALA A 37 -15.74 6.10 37.94
CA ALA A 37 -16.83 5.09 37.89
C ALA A 37 -17.65 5.10 36.61
N SER A 38 -17.88 6.27 36.02
CA SER A 38 -18.73 6.39 34.81
C SER A 38 -18.27 5.46 33.68
N ARG A 39 -17.02 5.07 33.67
CA ARG A 39 -16.46 4.30 32.54
C ARG A 39 -16.87 2.84 32.63
N ALA A 40 -17.23 2.36 33.81
CA ALA A 40 -17.75 0.99 33.94
C ALA A 40 -19.24 0.99 33.60
N ASP A 41 -19.90 2.14 33.66
CA ASP A 41 -21.39 2.22 33.49
C ASP A 41 -21.89 1.34 32.34
N ALA A 42 -21.35 1.47 31.13
CA ALA A 42 -21.90 0.72 29.98
C ALA A 42 -21.63 -0.78 30.11
N LEU A 43 -20.44 -1.16 30.56
CA LEU A 43 -20.08 -2.58 30.73
C LEU A 43 -20.95 -3.21 31.81
N VAL A 44 -21.30 -2.47 32.87
CA VAL A 44 -22.18 -2.98 33.97
C VAL A 44 -23.57 -3.28 33.42
N GLU A 45 -24.07 -2.45 32.51
CA GLU A 45 -25.37 -2.73 31.87
C GLU A 45 -25.24 -3.94 30.95
N ARG A 46 -24.05 -4.21 30.42
CA ARG A 46 -23.79 -5.40 29.57
C ARG A 46 -23.65 -6.63 30.46
N GLY A 47 -23.45 -6.45 31.76
CA GLY A 47 -23.40 -7.59 32.69
C GLY A 47 -22.19 -7.60 33.59
N ALA A 48 -21.31 -6.62 33.47
CA ALA A 48 -20.14 -6.53 34.36
C ALA A 48 -20.59 -6.33 35.80
N VAL A 49 -19.90 -6.98 36.74
CA VAL A 49 -20.33 -6.97 38.16
C VAL A 49 -20.24 -5.58 38.78
N ARG A 50 -19.09 -4.90 38.73
CA ARG A 50 -18.87 -3.60 39.43
C ARG A 50 -18.61 -3.90 40.91
N ALA A 51 -17.33 -3.99 41.26
CA ALA A 51 -16.95 -4.19 42.68
C ALA A 51 -17.07 -2.87 43.45
N PRO A 52 -17.38 -2.89 44.76
CA PRO A 52 -17.55 -1.66 45.51
C PRO A 52 -16.26 -0.83 45.59
N ASP A 53 -15.11 -1.51 45.68
CA ASP A 53 -13.80 -0.83 45.80
C ASP A 53 -12.75 -1.64 45.04
N VAL A 54 -11.49 -1.21 45.10
CA VAL A 54 -10.38 -1.90 44.38
C VAL A 54 -10.07 -3.23 45.06
N ALA A 55 -10.18 -3.29 46.39
CA ALA A 55 -9.85 -4.53 47.12
C ALA A 55 -10.87 -5.59 46.75
N ALA A 56 -12.14 -5.19 46.71
CA ALA A 56 -13.24 -6.12 46.40
C ALA A 56 -13.02 -6.66 44.99
N ALA A 57 -12.46 -5.84 44.12
CA ALA A 57 -12.18 -6.29 42.74
C ALA A 57 -11.04 -7.32 42.75
N VAL A 58 -9.96 -7.07 43.48
CA VAL A 58 -8.79 -8.00 43.46
C VAL A 58 -9.21 -9.34 44.07
N ALA A 59 -10.05 -9.34 45.09
CA ALA A 59 -10.50 -10.57 45.78
C ALA A 59 -11.58 -11.33 45.01
N ALA A 60 -12.24 -10.69 44.07
CA ALA A 60 -13.31 -11.34 43.27
C ALA A 60 -12.76 -12.51 42.44
N ASN A 61 -11.57 -12.37 41.87
CA ASN A 61 -11.04 -13.42 40.96
C ASN A 61 -9.53 -13.59 41.13
N GLU A 62 -9.01 -14.76 40.78
CA GLU A 62 -7.55 -14.99 40.79
C GLU A 62 -6.88 -14.12 39.74
N LEU A 63 -7.49 -13.99 38.56
CA LEU A 63 -6.89 -13.20 37.46
C LEU A 63 -7.34 -11.74 37.55
N VAL A 64 -6.38 -10.84 37.73
CA VAL A 64 -6.66 -9.39 37.77
C VAL A 64 -5.90 -8.75 36.60
N VAL A 65 -6.63 -8.19 35.66
CA VAL A 65 -6.00 -7.53 34.48
C VAL A 65 -5.96 -6.02 34.73
N LEU A 66 -4.77 -5.43 34.58
CA LEU A 66 -4.58 -3.98 34.79
C LEU A 66 -4.29 -3.26 33.48
N SER A 67 -5.05 -2.21 33.17
CA SER A 67 -4.76 -1.36 31.99
C SER A 67 -4.65 0.09 32.49
N LEU A 68 -3.48 0.43 33.02
CA LEU A 68 -3.24 1.78 33.57
C LEU A 68 -2.12 2.46 32.78
N THR A 69 -1.88 3.75 32.99
CA THR A 69 -0.88 4.53 32.22
C THR A 69 0.54 4.01 32.43
N ASP A 70 0.84 3.55 33.64
CA ASP A 70 2.21 3.11 33.97
C ASP A 70 2.21 2.19 35.17
N TYR A 71 3.40 1.83 35.65
CA TYR A 71 3.52 0.89 36.80
C TYR A 71 3.41 1.68 38.10
N ASP A 72 3.60 3.00 38.07
CA ASP A 72 3.42 3.85 39.26
C ASP A 72 1.94 3.89 39.61
N ALA A 73 1.08 3.90 38.59
CA ALA A 73 -0.38 3.85 38.79
C ALA A 73 -0.78 2.57 39.52
N MET A 74 -0.15 1.45 39.22
CA MET A 74 -0.44 0.18 39.91
C MET A 74 -0.17 0.35 41.42
N TYR A 75 0.97 0.91 41.78
CA TYR A 75 1.33 1.05 43.21
C TYR A 75 0.28 1.90 43.94
N ALA A 76 -0.23 2.94 43.29
CA ALA A 76 -1.18 3.86 43.96
C ALA A 76 -2.58 3.25 44.06
N LEU A 77 -2.91 2.31 43.18
CA LEU A 77 -4.25 1.71 43.14
C LEU A 77 -4.27 0.41 43.94
N LEU A 78 -3.26 -0.42 43.74
CA LEU A 78 -3.23 -1.75 44.38
C LEU A 78 -2.52 -1.69 45.74
N GLY A 79 -1.84 -0.60 46.04
CA GLY A 79 -1.20 -0.41 47.35
C GLY A 79 -2.16 -0.44 48.51
N PRO A 80 -3.30 0.30 48.53
CA PRO A 80 -4.27 0.17 49.62
C PRO A 80 -4.92 -1.21 49.68
N ALA A 81 -4.85 -1.97 48.59
CA ALA A 81 -5.42 -3.33 48.55
C ALA A 81 -4.30 -4.36 48.48
N ALA A 82 -3.11 -4.03 48.99
CA ALA A 82 -1.93 -4.92 48.85
C ALA A 82 -2.06 -6.19 49.68
N ASP A 83 -2.81 -6.14 50.78
CA ASP A 83 -2.95 -7.31 51.68
C ASP A 83 -3.84 -8.37 51.00
N ALA A 84 -4.46 -8.03 49.88
CA ALA A 84 -5.35 -8.97 49.18
C ALA A 84 -4.68 -9.59 47.95
N LEU A 85 -3.41 -9.31 47.71
CA LEU A 85 -2.76 -9.75 46.44
C LEU A 85 -2.26 -11.18 46.51
N ALA A 86 -2.25 -11.81 47.68
CA ALA A 86 -1.70 -13.18 47.82
C ALA A 86 -2.54 -14.18 47.03
N GLY A 87 -1.88 -15.01 46.22
CA GLY A 87 -2.58 -16.01 45.38
C GLY A 87 -3.17 -15.38 44.12
N LYS A 88 -2.91 -14.10 43.89
CA LYS A 88 -3.54 -13.41 42.74
C LYS A 88 -2.56 -13.31 41.57
N VAL A 89 -3.08 -13.49 40.37
CA VAL A 89 -2.24 -13.30 39.16
C VAL A 89 -2.61 -11.93 38.60
N VAL A 90 -1.67 -10.99 38.70
CA VAL A 90 -1.89 -9.62 38.19
C VAL A 90 -1.29 -9.54 36.78
N VAL A 91 -2.14 -9.54 35.76
CA VAL A 91 -1.64 -9.33 34.37
C VAL A 91 -1.68 -7.83 34.13
N ASN A 92 -0.50 -7.22 34.12
CA ASN A 92 -0.36 -5.77 33.94
C ASN A 92 -0.07 -5.45 32.47
N LEU A 93 -1.06 -4.87 31.78
CA LEU A 93 -0.93 -4.51 30.36
C LEU A 93 -0.54 -3.04 30.26
N SER A 94 0.13 -2.53 31.28
CA SER A 94 0.57 -1.12 31.30
C SER A 94 2.00 -0.97 30.80
N SER A 95 2.22 0.01 29.93
CA SER A 95 3.57 0.33 29.44
C SER A 95 4.45 0.89 30.55
N ASP A 96 5.70 0.46 30.57
CA ASP A 96 6.72 1.01 31.49
C ASP A 96 8.06 0.41 31.06
N THR A 97 9.13 0.93 31.63
CA THR A 97 10.50 0.46 31.30
C THR A 97 10.71 -0.95 31.85
N PRO A 98 11.56 -1.82 31.24
CA PRO A 98 11.90 -3.11 31.83
C PRO A 98 12.22 -3.10 33.33
N GLU A 99 12.99 -2.13 33.80
CA GLU A 99 13.40 -2.07 35.23
C GLU A 99 12.19 -1.78 36.14
N LYS A 100 11.33 -0.88 35.72
CA LYS A 100 10.12 -0.52 36.52
C LYS A 100 9.09 -1.65 36.45
N THR A 101 9.08 -2.43 35.38
CA THR A 101 8.16 -3.58 35.22
C THR A 101 8.64 -4.70 36.14
N ARG A 102 9.95 -4.88 36.26
CA ARG A 102 10.53 -5.88 37.20
C ARG A 102 10.31 -5.41 38.64
N ALA A 103 10.30 -4.10 38.87
CA ALA A 103 10.05 -3.55 40.21
C ALA A 103 8.61 -3.79 40.61
N GLY A 104 7.70 -3.73 39.64
CA GLY A 104 6.30 -4.06 39.92
C GLY A 104 6.17 -5.52 40.20
N ALA A 105 6.88 -6.36 39.47
CA ALA A 105 6.86 -7.81 39.70
C ALA A 105 7.32 -8.13 41.13
N ARG A 106 8.40 -7.49 41.56
CA ARG A 106 8.94 -7.70 42.92
C ARG A 106 7.92 -7.25 43.96
N TRP A 107 7.33 -6.07 43.80
CA TRP A 107 6.33 -5.53 44.75
C TRP A 107 5.14 -6.48 44.86
N ILE A 108 4.66 -7.00 43.74
CA ILE A 108 3.49 -7.92 43.73
C ILE A 108 3.87 -9.22 44.46
N ALA A 109 5.06 -9.75 44.24
CA ALA A 109 5.50 -11.02 44.85
C ALA A 109 5.74 -10.85 46.35
N GLU A 110 6.16 -9.66 46.78
CA GLU A 110 6.31 -9.40 48.23
C GLU A 110 4.92 -9.40 48.88
N HIS A 111 3.88 -9.21 48.07
CA HIS A 111 2.50 -9.19 48.60
C HIS A 111 1.80 -10.52 48.30
N GLY A 112 2.56 -11.56 47.95
CA GLY A 112 1.97 -12.90 47.79
C GLY A 112 1.46 -13.24 46.42
N GLY A 113 1.49 -12.28 45.49
CA GLY A 113 0.92 -12.51 44.17
C GLY A 113 1.96 -12.75 43.11
N THR A 114 1.53 -12.82 41.87
CA THR A 114 2.48 -12.97 40.74
C THR A 114 2.05 -12.00 39.63
N LEU A 115 2.99 -11.18 39.19
CA LEU A 115 2.70 -10.23 38.10
C LEU A 115 3.14 -10.83 36.77
N ILE A 116 2.26 -10.72 35.78
CA ILE A 116 2.66 -11.08 34.39
C ILE A 116 2.60 -9.77 33.62
N ALA A 117 3.68 -9.46 32.92
CA ALA A 117 3.77 -8.21 32.16
C ALA A 117 3.24 -8.41 30.75
N GLY A 118 2.56 -7.39 30.24
CA GLY A 118 1.98 -7.48 28.90
C GLY A 118 2.10 -6.20 28.12
N GLY A 119 2.53 -6.31 26.88
CA GLY A 119 2.59 -5.15 25.99
C GLY A 119 1.63 -5.35 24.85
N VAL A 120 0.49 -4.67 24.90
CA VAL A 120 -0.53 -4.83 23.83
C VAL A 120 -0.10 -4.02 22.62
N THR A 121 0.25 -4.70 21.54
CA THR A 121 0.66 -4.04 20.30
C THR A 121 -0.58 -3.88 19.44
N CYS A 122 -1.74 -3.58 20.05
CA CYS A 122 -3.01 -3.36 19.31
C CYS A 122 -3.71 -2.09 19.83
N PRO A 123 -4.32 -1.25 18.95
CA PRO A 123 -5.08 -0.10 19.40
C PRO A 123 -6.34 -0.60 20.12
N PRO A 124 -7.18 0.25 20.77
CA PRO A 124 -8.43 -0.26 21.37
C PRO A 124 -9.33 -0.93 20.32
N SER A 125 -9.32 -0.43 19.09
CA SER A 125 -10.12 -1.01 17.99
C SER A 125 -9.72 -2.48 17.76
N GLY A 126 -8.47 -2.83 18.05
CA GLY A 126 -7.97 -4.18 17.81
C GLY A 126 -8.16 -5.14 18.98
N ILE A 127 -8.69 -4.67 20.10
CA ILE A 127 -8.98 -5.63 21.20
C ILE A 127 -10.12 -6.55 20.75
N GLY A 128 -9.92 -7.85 20.85
CA GLY A 128 -10.93 -8.81 20.40
C GLY A 128 -10.65 -9.28 18.99
N SER A 129 -9.73 -8.59 18.30
CA SER A 129 -9.42 -8.95 16.90
C SER A 129 -8.36 -10.05 16.92
N PRO A 130 -8.52 -11.15 16.12
CA PRO A 130 -7.49 -12.20 16.07
C PRO A 130 -6.14 -11.79 15.46
N GLU A 131 -6.12 -10.72 14.68
CA GLU A 131 -4.87 -10.23 14.06
C GLU A 131 -4.07 -9.48 15.11
N SER A 132 -4.68 -9.21 16.25
CA SER A 132 -4.01 -8.39 17.27
C SER A 132 -3.13 -9.27 18.14
N SER A 133 -2.06 -8.69 18.67
CA SER A 133 -1.08 -9.48 19.45
C SER A 133 -0.64 -8.72 20.69
N ALA A 134 -0.12 -9.45 21.66
CA ALA A 134 0.44 -8.83 22.87
C ALA A 134 1.64 -9.64 23.33
N PHE A 135 2.72 -8.94 23.65
CA PHE A 135 3.91 -9.60 24.19
C PHE A 135 3.60 -9.89 25.66
N TYR A 136 3.99 -11.07 26.11
CA TYR A 136 3.79 -11.44 27.52
C TYR A 136 5.08 -12.00 28.09
N SER A 137 5.35 -11.70 29.34
CA SER A 137 6.59 -12.16 29.99
C SER A 137 6.33 -12.29 31.49
N GLY A 138 6.98 -13.24 32.13
CA GLY A 138 6.70 -13.49 33.54
C GLY A 138 6.54 -14.96 33.85
N PRO A 139 6.06 -15.35 35.06
CA PRO A 139 5.93 -16.77 35.42
C PRO A 139 5.21 -17.59 34.36
N SER A 140 5.89 -18.58 33.80
CA SER A 140 5.33 -19.39 32.69
C SER A 140 4.04 -20.12 33.09
N ALA A 141 4.03 -20.80 34.23
CA ALA A 141 2.87 -21.62 34.65
C ALA A 141 1.65 -20.75 34.88
N ALA A 142 1.81 -19.64 35.57
CA ALA A 142 0.69 -18.70 35.81
C ALA A 142 0.18 -18.16 34.47
N PHE A 143 1.09 -17.80 33.57
CA PHE A 143 0.68 -17.33 32.23
C PHE A 143 -0.04 -18.45 31.49
N GLU A 144 0.44 -19.68 31.59
CA GLU A 144 -0.15 -20.83 30.84
C GLU A 144 -1.55 -21.11 31.38
N ARG A 145 -1.73 -21.00 32.68
CA ARG A 145 -3.04 -21.21 33.32
C ARG A 145 -4.04 -20.15 32.83
N HIS A 146 -3.57 -18.96 32.51
CA HIS A 146 -4.49 -17.85 32.15
C HIS A 146 -4.36 -17.45 30.69
N ARG A 147 -3.65 -18.23 29.88
CA ARG A 147 -3.38 -17.87 28.47
C ARG A 147 -4.66 -17.88 27.65
N GLU A 148 -5.63 -18.72 28.00
CA GLU A 148 -6.84 -18.83 27.16
C GLU A 148 -7.70 -17.59 27.34
N THR A 149 -7.73 -17.08 28.56
CA THR A 149 -8.56 -15.89 28.87
C THR A 149 -7.90 -14.67 28.22
N LEU A 150 -6.57 -14.66 28.18
CA LEU A 150 -5.81 -13.53 27.57
C LEU A 150 -5.89 -13.59 26.05
N ARG A 151 -6.21 -14.76 25.48
CA ARG A 151 -6.38 -14.90 24.01
C ARG A 151 -7.67 -14.21 23.56
N THR A 152 -8.62 -14.03 24.47
CA THR A 152 -9.85 -13.28 24.12
C THR A 152 -9.47 -11.87 23.67
N LEU A 153 -8.52 -11.25 24.34
CA LEU A 153 -8.10 -9.88 24.01
C LEU A 153 -7.19 -9.86 22.78
N THR A 154 -6.16 -10.70 22.78
CA THR A 154 -5.17 -10.66 21.68
C THR A 154 -4.43 -11.98 21.56
N ARG A 155 -3.64 -12.13 20.51
CA ARG A 155 -2.77 -13.32 20.44
C ARG A 155 -1.69 -13.17 21.52
N THR A 156 -1.21 -14.29 22.02
CA THR A 156 -0.24 -14.26 23.13
C THR A 156 1.14 -14.64 22.60
N ASP A 157 2.11 -13.73 22.71
CA ASP A 157 3.51 -14.01 22.28
C ASP A 157 4.36 -13.99 23.54
N TYR A 158 4.60 -15.16 24.11
CA TYR A 158 5.41 -15.27 25.35
C TYR A 158 6.87 -15.03 24.99
N ARG A 159 7.49 -14.08 25.67
CA ARG A 159 8.88 -13.70 25.34
C ARG A 159 9.84 -14.21 26.43
N GLY A 160 9.30 -14.79 27.51
CA GLY A 160 10.16 -15.35 28.56
C GLY A 160 9.71 -15.12 29.99
N GLU A 161 10.57 -15.47 30.95
CA GLU A 161 10.20 -15.44 32.39
C GLU A 161 10.42 -14.06 33.01
N ASP A 162 11.33 -13.27 32.45
CA ASP A 162 11.59 -11.91 32.97
C ASP A 162 10.47 -10.98 32.54
N PRO A 163 9.69 -10.35 33.47
CA PRO A 163 8.68 -9.37 33.08
C PRO A 163 9.21 -8.22 32.21
N GLY A 164 10.51 -7.95 32.27
CA GLY A 164 11.12 -6.88 31.48
C GLY A 164 11.14 -7.19 30.01
N LEU A 165 10.97 -8.45 29.63
CA LEU A 165 11.09 -8.85 28.21
C LEU A 165 9.92 -8.30 27.39
N ALA A 166 8.71 -8.37 27.94
CA ALA A 166 7.52 -7.86 27.23
C ALA A 166 7.64 -6.35 27.10
N ALA A 167 8.00 -5.68 28.18
CA ALA A 167 8.16 -4.21 28.17
C ALA A 167 9.19 -3.82 27.12
N LEU A 168 10.33 -4.51 27.10
CA LEU A 168 11.41 -4.25 26.11
C LEU A 168 10.88 -4.44 24.70
N TRP A 169 10.28 -5.59 24.41
CA TRP A 169 9.69 -5.87 23.08
C TRP A 169 8.67 -4.78 22.71
N TYR A 170 7.90 -4.31 23.68
CA TYR A 170 6.91 -3.24 23.45
C TYR A 170 7.63 -1.93 23.10
N GLN A 171 8.69 -1.60 23.81
CA GLN A 171 9.41 -0.31 23.60
C GLN A 171 10.20 -0.39 22.29
N ILE A 172 10.69 -1.57 21.92
CA ILE A 172 11.41 -1.72 20.62
C ILE A 172 10.45 -1.37 19.48
N GLY A 173 9.21 -1.82 19.57
CA GLY A 173 8.21 -1.48 18.53
C GLY A 173 7.70 -0.06 18.63
N MET A 174 7.60 0.50 19.84
CA MET A 174 7.01 1.85 20.05
C MET A 174 8.00 2.98 19.71
N VAL A 175 9.30 2.72 19.73
CA VAL A 175 10.30 3.75 19.31
C VAL A 175 10.12 3.97 17.82
N MET A 176 9.85 2.90 17.08
CA MET A 176 9.60 3.02 15.63
C MET A 176 8.20 3.62 15.42
N TRP A 177 7.18 3.12 16.10
CA TRP A 177 5.79 3.58 15.90
C TRP A 177 5.65 5.08 16.18
N TRP A 178 6.06 5.52 17.36
CA TRP A 178 5.96 6.93 17.76
C TRP A 178 6.74 7.84 16.82
N ASN A 179 7.93 7.44 16.40
CA ASN A 179 8.75 8.27 15.50
C ASN A 179 8.05 8.42 14.14
N ALA A 180 7.47 7.35 13.61
CA ALA A 180 6.72 7.40 12.34
C ALA A 180 5.48 8.29 12.49
N MET A 181 4.88 8.29 13.67
CA MET A 181 3.68 9.12 13.92
C MET A 181 4.09 10.58 14.09
N LEU A 182 5.24 10.84 14.68
CA LEU A 182 5.73 12.24 14.78
C LEU A 182 6.11 12.70 13.38
N GLY A 183 6.63 11.80 12.55
CA GLY A 183 6.90 12.15 11.15
C GLY A 183 5.62 12.47 10.42
N TYR A 184 4.56 11.70 10.65
CA TYR A 184 3.25 11.97 10.02
C TYR A 184 2.74 13.34 10.46
N LEU A 185 2.80 13.63 11.75
CA LEU A 185 2.36 14.94 12.29
C LEU A 185 3.18 16.07 11.66
N GLN A 186 4.48 15.85 11.45
CA GLN A 186 5.35 16.87 10.83
C GLN A 186 4.97 17.04 9.36
N ALA A 187 4.66 15.94 8.68
CA ALA A 187 4.26 15.98 7.27
C ALA A 187 2.92 16.71 7.14
N VAL A 188 2.02 16.50 8.08
CA VAL A 188 0.69 17.15 8.05
C VAL A 188 0.86 18.66 8.28
N ALA A 189 1.76 19.06 9.18
CA ALA A 189 2.03 20.48 9.41
C ALA A 189 2.68 21.11 8.17
N LEU A 190 3.68 20.45 7.58
CA LEU A 190 4.32 20.96 6.34
C LEU A 190 3.24 21.12 5.27
N ALA A 191 2.34 20.15 5.21
CA ALA A 191 1.23 20.18 4.23
C ALA A 191 0.31 21.37 4.53
N ASP A 192 -0.10 21.57 5.78
CA ASP A 192 -1.06 22.66 6.13
C ASP A 192 -0.47 24.01 5.73
N ALA A 193 0.82 24.21 5.99
CA ALA A 193 1.49 25.47 5.65
C ALA A 193 1.54 25.66 4.14
N ASN A 194 1.28 24.59 3.39
CA ASN A 194 1.37 24.64 1.91
C ASN A 194 -0.01 24.34 1.29
N GLY A 195 -1.09 24.64 2.01
CA GLY A 195 -2.46 24.51 1.47
C GLY A 195 -3.00 23.11 1.42
N LEU A 196 -2.22 22.12 1.84
CA LEU A 196 -2.66 20.72 1.69
C LEU A 196 -3.15 20.15 3.01
N LYS A 197 -4.20 19.34 2.95
CA LYS A 197 -4.73 18.71 4.18
C LYS A 197 -4.09 17.33 4.36
N ALA A 198 -4.26 16.76 5.55
CA ALA A 198 -3.76 15.40 5.81
C ALA A 198 -4.40 14.41 4.85
N ALA A 199 -5.66 14.62 4.52
CA ALA A 199 -6.38 13.71 3.59
C ALA A 199 -5.71 13.75 2.22
N ASP A 200 -5.13 14.89 1.85
CA ASP A 200 -4.44 15.05 0.54
C ASP A 200 -3.12 14.29 0.53
N ILE A 201 -2.45 14.19 1.67
CA ILE A 201 -1.11 13.54 1.75
C ILE A 201 -1.26 12.09 2.22
N LEU A 202 -2.44 11.72 2.71
CA LEU A 202 -2.68 10.36 3.24
C LEU A 202 -2.26 9.29 2.24
N PRO A 203 -2.64 9.30 0.93
CA PRO A 203 -2.15 8.27 0.02
C PRO A 203 -0.62 8.15 0.03
N HIS A 204 0.11 9.25 -0.15
CA HIS A 204 1.60 9.21 -0.19
C HIS A 204 2.15 8.74 1.15
N ALA A 205 1.63 9.26 2.25
CA ALA A 205 2.04 8.81 3.59
C ALA A 205 1.88 7.30 3.70
N SER A 206 0.69 6.80 3.36
CA SER A 206 0.38 5.35 3.45
C SER A 206 1.32 4.57 2.54
N ASP A 207 1.63 5.10 1.37
CA ASP A 207 2.52 4.41 0.40
C ASP A 207 3.95 4.42 0.93
N THR A 208 4.34 5.50 1.57
CA THR A 208 5.72 5.65 2.10
C THR A 208 5.91 4.62 3.22
N VAL A 209 4.91 4.43 4.06
CA VAL A 209 5.08 3.55 5.25
C VAL A 209 4.87 2.07 4.87
N ALA A 210 4.19 1.77 3.79
CA ALA A 210 4.07 0.36 3.37
C ALA A 210 5.32 -0.05 2.60
N GLY A 211 6.17 0.91 2.24
CA GLY A 211 7.44 0.60 1.56
C GLY A 211 8.56 0.36 2.54
N LEU A 212 8.32 0.64 3.83
CA LEU A 212 9.34 0.47 4.89
C LEU A 212 9.75 -0.99 5.10
N PRO A 213 8.85 -2.00 5.17
CA PRO A 213 9.29 -3.36 5.45
C PRO A 213 10.45 -3.83 4.55
N PHE A 214 10.57 -3.28 3.34
CA PHE A 214 11.71 -3.61 2.46
C PHE A 214 13.02 -3.14 3.08
N PHE A 215 13.07 -1.89 3.53
CA PHE A 215 14.30 -1.30 4.12
C PHE A 215 14.61 -1.96 5.46
N LEU A 216 13.58 -2.39 6.16
CA LEU A 216 13.80 -3.03 7.46
C LEU A 216 14.63 -4.30 7.21
N ARG A 217 14.23 -5.13 6.26
CA ARG A 217 14.95 -6.40 5.94
C ARG A 217 16.29 -6.08 5.30
N PHE A 218 16.30 -5.14 4.37
CA PHE A 218 17.53 -4.75 3.65
C PHE A 218 18.60 -4.36 4.66
N TYR A 219 18.27 -3.51 5.61
CA TYR A 219 19.25 -2.99 6.59
C TYR A 219 19.46 -3.97 7.75
N ALA A 220 18.47 -4.81 8.05
CA ALA A 220 18.66 -5.83 9.11
C ALA A 220 19.78 -6.79 8.73
N ASP A 221 19.76 -7.27 7.49
CA ASP A 221 20.77 -8.25 7.06
C ASP A 221 22.16 -7.60 7.08
N ARG A 222 22.23 -6.30 6.78
CA ARG A 222 23.54 -5.62 6.67
C ARG A 222 24.08 -5.17 8.03
N ILE A 223 23.21 -4.69 8.92
CA ILE A 223 23.64 -4.27 10.29
C ILE A 223 24.19 -5.50 11.00
N ASP A 224 23.51 -6.62 10.86
CA ASP A 224 23.93 -7.89 11.50
C ASP A 224 25.27 -8.37 10.94
N THR A 225 25.62 -7.98 9.72
CA THR A 225 26.85 -8.48 9.06
C THR A 225 27.95 -7.41 9.01
N GLY A 226 27.68 -6.24 9.57
CA GLY A 226 28.67 -5.14 9.58
C GLY A 226 28.82 -4.51 8.21
N HIS A 227 27.91 -4.85 7.29
CA HIS A 227 27.96 -4.29 5.92
C HIS A 227 27.31 -2.90 5.93
N HIS A 228 28.09 -1.88 6.27
CA HIS A 228 27.58 -0.51 6.33
C HIS A 228 28.13 0.23 5.10
N GLY A 229 28.28 -0.50 4.01
CA GLY A 229 28.75 0.13 2.77
C GLY A 229 27.74 1.07 2.15
N GLY A 230 28.20 1.96 1.30
CA GLY A 230 27.32 2.96 0.67
C GLY A 230 26.90 2.59 -0.74
N ASP A 231 26.55 1.34 -0.97
CA ASP A 231 26.21 0.87 -2.33
C ASP A 231 24.80 1.33 -2.70
N ALA A 232 23.95 1.53 -1.69
CA ALA A 232 22.57 1.96 -1.95
C ALA A 232 22.35 3.35 -1.36
N ASP A 233 23.25 3.80 -0.48
CA ASP A 233 23.15 5.16 0.08
C ASP A 233 24.40 5.62 0.80
N ARG A 234 24.53 6.92 0.95
CA ARG A 234 25.65 7.50 1.70
C ARG A 234 25.03 8.39 2.77
N LEU A 235 25.55 8.32 3.99
CA LEU A 235 25.05 9.18 5.09
C LEU A 235 25.14 10.64 4.69
N ALA A 236 26.11 11.00 3.86
CA ALA A 236 26.26 12.40 3.39
C ALA A 236 25.08 12.80 2.50
N MET A 237 24.58 11.91 1.68
CA MET A 237 23.38 12.20 0.86
C MET A 237 22.17 12.31 1.79
N GLY A 238 22.14 11.52 2.85
CA GLY A 238 21.04 11.54 3.82
C GLY A 238 21.07 12.77 4.70
N THR A 239 22.25 13.21 5.12
CA THR A 239 22.40 14.43 5.96
C THR A 239 21.83 15.58 5.16
N ALA A 240 22.12 15.61 3.86
CA ALA A 240 21.56 16.64 2.97
C ALA A 240 20.04 16.52 2.93
N SER A 241 19.50 15.32 2.74
CA SER A 241 18.03 15.08 2.72
C SER A 241 17.35 15.57 4.01
N VAL A 242 17.90 15.22 5.17
CA VAL A 242 17.33 15.64 6.46
C VAL A 242 17.52 17.16 6.64
N GLU A 243 18.59 17.73 6.10
CA GLU A 243 18.83 19.20 6.14
C GLU A 243 17.79 19.89 5.26
N HIS A 244 17.37 19.22 4.18
CA HIS A 244 16.33 19.76 3.29
C HIS A 244 14.97 19.73 4.00
N ILE A 245 14.71 18.69 4.79
CA ILE A 245 13.44 18.59 5.57
C ILE A 245 13.41 19.77 6.55
N LEU A 246 14.54 20.05 7.18
CA LEU A 246 14.61 21.11 8.21
C LEU A 246 14.37 22.47 7.57
N HIS A 247 15.04 22.74 6.46
CA HIS A 247 14.93 24.05 5.81
C HIS A 247 13.58 24.14 5.08
N THR A 248 13.05 23.03 4.58
CA THR A 248 11.70 23.05 3.97
C THR A 248 10.68 23.43 5.04
N MET A 249 10.83 22.84 6.21
CA MET A 249 9.89 23.13 7.32
C MET A 249 10.09 24.57 7.86
N ALA A 250 11.32 25.03 7.98
CA ALA A 250 11.61 26.40 8.46
C ALA A 250 11.08 27.44 7.47
N ASP A 251 11.35 27.23 6.19
CA ASP A 251 10.88 28.17 5.14
C ASP A 251 9.35 28.22 5.16
N SER A 252 8.69 27.15 5.57
CA SER A 252 7.21 27.07 5.61
C SER A 252 6.69 27.48 7.00
N GLY A 253 7.57 27.95 7.87
CA GLY A 253 7.18 28.40 9.21
C GLY A 253 6.71 27.26 10.08
N VAL A 254 7.26 26.07 9.88
CA VAL A 254 6.86 24.88 10.66
C VAL A 254 7.94 24.65 11.73
N ASP A 255 7.54 24.24 12.93
CA ASP A 255 8.48 24.00 14.05
C ASP A 255 9.67 23.14 13.61
N THR A 256 10.86 23.50 14.06
CA THR A 256 12.10 22.83 13.58
C THR A 256 12.77 21.97 14.65
N ALA A 257 12.26 21.96 15.87
CA ALA A 257 12.95 21.24 16.96
C ALA A 257 13.23 19.79 16.59
N LEU A 258 12.23 19.11 16.05
CA LEU A 258 12.38 17.68 15.71
C LEU A 258 13.32 17.52 14.50
N PRO A 259 13.16 18.18 13.32
CA PRO A 259 14.15 18.05 12.26
C PRO A 259 15.58 18.45 12.66
N GLU A 260 15.72 19.36 13.61
CA GLU A 260 17.05 19.82 14.09
C GLU A 260 17.75 18.67 14.79
N ALA A 261 17.00 17.85 15.50
CA ALA A 261 17.61 16.73 16.25
C ALA A 261 18.01 15.61 15.28
N VAL A 262 17.23 15.42 14.23
CA VAL A 262 17.62 14.43 13.18
C VAL A 262 18.86 14.97 12.48
N VAL A 263 18.84 16.26 12.11
CA VAL A 263 20.02 16.90 11.48
C VAL A 263 21.25 16.74 12.39
N ALA A 264 21.07 16.92 13.69
CA ALA A 264 22.21 16.87 14.63
C ALA A 264 22.80 15.47 14.69
N PHE A 265 21.98 14.44 14.56
CA PHE A 265 22.44 13.04 14.64
C PHE A 265 23.19 12.68 13.35
N PHE A 266 22.71 13.19 12.23
CA PHE A 266 23.35 12.92 10.93
C PHE A 266 24.67 13.67 10.89
N ARG A 267 24.72 14.84 11.53
CA ARG A 267 25.99 15.61 11.60
C ARG A 267 26.95 14.90 12.55
N ARG A 268 26.44 14.18 13.52
CA ARG A 268 27.28 13.42 14.48
C ARG A 268 27.94 12.25 13.75
N GLY A 269 27.25 11.71 12.76
CA GLY A 269 27.79 10.57 11.99
C GLY A 269 28.86 10.97 11.01
N GLU A 270 28.69 12.12 10.35
CA GLU A 270 29.72 12.62 9.42
C GLU A 270 30.99 12.94 10.22
N ALA A 271 30.83 13.43 11.45
CA ALA A 271 31.98 13.76 12.31
C ALA A 271 32.67 12.48 12.80
N ALA A 272 31.93 11.37 12.82
CA ALA A 272 32.48 10.08 13.25
C ALA A 272 33.17 9.38 12.08
N GLY A 273 33.10 9.96 10.87
CA GLY A 273 33.80 9.40 9.70
C GLY A 273 32.94 8.47 8.89
N TYR A 274 31.61 8.63 8.95
CA TYR A 274 30.69 7.68 8.27
C TYR A 274 30.01 8.31 7.04
N ALA A 275 30.51 9.44 6.56
CA ALA A 275 29.86 10.16 5.43
C ALA A 275 29.75 9.28 4.19
N GLU A 276 30.80 8.49 3.92
CA GLU A 276 30.84 7.64 2.70
C GLU A 276 30.20 6.29 2.97
N ASN A 277 29.71 6.07 4.18
CA ASN A 277 29.04 4.79 4.52
C ASN A 277 27.52 4.94 4.47
N SER A 278 26.79 3.85 4.71
CA SER A 278 25.31 3.90 4.80
C SER A 278 24.90 4.60 6.09
N PHE A 279 23.72 5.20 6.12
CA PHE A 279 23.18 5.85 7.34
C PHE A 279 23.10 4.78 8.44
N SER A 280 23.04 3.51 8.06
CA SER A 280 22.97 2.38 9.01
C SER A 280 24.19 2.37 9.93
N SER A 281 25.31 2.94 9.48
CA SER A 281 26.54 3.04 10.31
C SER A 281 26.26 3.82 11.58
N MET A 282 25.20 4.60 11.57
CA MET A 282 24.85 5.43 12.76
C MET A 282 24.24 4.54 13.84
N VAL A 283 24.12 3.23 13.57
CA VAL A 283 23.67 2.29 14.63
C VAL A 283 24.79 2.26 15.67
N GLU A 284 25.99 2.66 15.27
CA GLU A 284 27.16 2.60 16.16
C GLU A 284 27.18 3.83 17.06
N LEU A 285 26.68 4.95 16.55
CA LEU A 285 26.60 6.18 17.37
C LEU A 285 25.60 5.92 18.48
N LEU A 286 24.61 5.08 18.21
CA LEU A 286 23.53 4.83 19.20
C LEU A 286 24.02 3.92 20.32
N LYS A 287 25.16 3.26 20.14
CA LYS A 287 25.72 2.38 21.19
C LYS A 287 26.61 3.20 22.13
N LYS A 288 27.10 4.34 21.68
CA LYS A 288 27.92 5.21 22.55
C LYS A 288 27.16 6.50 22.87
N PRO A 289 26.57 6.66 24.07
CA PRO A 289 25.87 7.86 24.45
C PRO A 289 26.78 9.09 24.52
N ARG B 3 9.38 5.25 -30.00
CA ARG B 3 10.70 4.59 -29.83
C ARG B 3 11.41 5.14 -28.60
N PRO B 4 12.13 4.31 -27.81
CA PRO B 4 12.86 4.77 -26.64
C PRO B 4 13.76 5.97 -26.96
N ALA B 5 13.37 7.17 -26.52
CA ALA B 5 14.10 8.40 -26.87
C ALA B 5 15.49 8.45 -26.22
N PRO B 6 16.49 9.02 -26.90
CA PRO B 6 17.82 9.15 -26.31
C PRO B 6 17.84 10.20 -25.19
N LEU B 7 18.72 10.01 -24.19
CA LEU B 7 18.83 10.98 -23.08
C LEU B 7 20.21 10.97 -22.42
N THR B 8 20.53 12.06 -21.72
CA THR B 8 21.82 12.19 -21.00
C THR B 8 21.59 12.01 -19.50
N LEU B 9 22.45 11.25 -18.82
CA LEU B 9 22.33 11.02 -17.36
C LEU B 9 23.63 11.44 -16.66
N ILE B 10 23.55 12.49 -15.86
CA ILE B 10 24.72 12.97 -15.08
C ILE B 10 24.37 12.77 -13.62
N GLY B 11 25.25 12.12 -12.87
CA GLY B 11 24.94 11.78 -11.48
C GLY B 11 24.81 10.29 -11.42
N LEU B 12 25.93 9.60 -11.29
CA LEU B 12 25.91 8.13 -11.35
C LEU B 12 26.21 7.58 -9.96
N GLY B 13 25.47 8.06 -8.96
CA GLY B 13 25.56 7.44 -7.63
C GLY B 13 24.68 6.21 -7.60
N PRO B 14 24.30 5.69 -6.41
CA PRO B 14 23.41 4.54 -6.33
C PRO B 14 22.17 4.71 -7.22
N MET B 15 21.52 5.87 -7.15
CA MET B 15 20.31 6.13 -7.97
C MET B 15 20.65 6.22 -9.46
N GLY B 16 21.64 7.02 -9.83
CA GLY B 16 22.02 7.21 -11.24
C GLY B 16 22.54 5.96 -11.90
N GLN B 17 23.28 5.13 -11.17
CA GLN B 17 23.68 3.84 -11.77
C GLN B 17 22.43 3.04 -12.12
N ALA B 18 21.47 2.96 -11.21
CA ALA B 18 20.25 2.15 -11.42
C ALA B 18 19.42 2.74 -12.57
N MET B 19 19.36 4.06 -12.65
CA MET B 19 18.62 4.72 -13.75
C MET B 19 19.27 4.36 -15.08
N GLY B 20 20.60 4.36 -15.14
CA GLY B 20 21.30 3.96 -16.37
C GLY B 20 21.01 2.55 -16.78
N ASN B 21 20.97 1.63 -15.83
CA ASN B 21 20.71 0.21 -16.14
C ASN B 21 19.28 0.08 -16.66
N ALA B 22 18.32 0.73 -16.01
CA ALA B 22 16.89 0.64 -16.42
C ALA B 22 16.69 1.25 -17.80
N LEU B 23 17.31 2.41 -18.04
CA LEU B 23 17.16 3.08 -19.36
C LEU B 23 17.79 2.20 -20.44
N LEU B 24 18.96 1.63 -20.18
CA LEU B 24 19.62 0.72 -21.15
C LEU B 24 18.72 -0.51 -21.35
N ASP B 25 18.07 -0.98 -20.30
CA ASP B 25 17.20 -2.18 -20.36
C ASP B 25 16.00 -1.95 -21.28
N ARG B 26 15.52 -0.71 -21.39
CA ARG B 26 14.35 -0.38 -22.25
C ARG B 26 14.84 -0.07 -23.67
N GLY B 27 16.15 0.03 -23.88
CA GLY B 27 16.71 0.34 -25.21
C GLY B 27 16.91 1.82 -25.41
N HIS B 28 16.99 2.59 -24.32
CA HIS B 28 17.26 4.04 -24.43
C HIS B 28 18.73 4.27 -24.74
N GLY B 29 19.02 5.21 -25.64
CA GLY B 29 20.41 5.59 -25.91
C GLY B 29 20.89 6.54 -24.84
N LEU B 30 21.79 6.07 -23.97
CA LEU B 30 22.15 6.91 -22.82
C LEU B 30 23.56 7.50 -22.92
N THR B 31 23.67 8.82 -22.80
CA THR B 31 25.01 9.46 -22.69
C THR B 31 25.22 9.71 -21.18
N VAL B 32 26.36 9.27 -20.62
CA VAL B 32 26.54 9.33 -19.14
C VAL B 32 27.77 10.14 -18.74
N TRP B 33 27.70 10.78 -17.58
CA TRP B 33 28.89 11.49 -17.04
C TRP B 33 28.86 11.53 -15.51
N ASN B 34 30.00 11.27 -14.88
CA ASN B 34 30.14 11.37 -13.40
C ASN B 34 31.53 11.94 -13.11
N ARG B 35 31.66 12.74 -12.06
CA ARG B 35 33.00 13.25 -11.65
C ARG B 35 33.93 12.06 -11.50
N THR B 36 33.48 11.03 -10.78
CA THR B 36 34.27 9.80 -10.68
C THR B 36 33.92 8.97 -11.91
N ALA B 37 34.86 8.83 -12.84
CA ALA B 37 34.57 8.16 -14.12
C ALA B 37 34.54 6.64 -13.97
N SER B 38 35.20 6.10 -12.96
CA SER B 38 35.13 4.63 -12.73
C SER B 38 33.68 4.20 -12.53
N ARG B 39 32.81 5.13 -12.13
CA ARG B 39 31.39 4.80 -11.86
C ARG B 39 30.65 4.66 -13.19
N ALA B 40 31.18 5.26 -14.25
CA ALA B 40 30.55 5.14 -15.58
C ALA B 40 31.02 3.87 -16.29
N ASP B 41 32.10 3.25 -15.83
CA ASP B 41 32.69 2.09 -16.55
C ASP B 41 31.66 1.02 -16.93
N ALA B 42 30.99 0.43 -15.95
CA ALA B 42 30.06 -0.70 -16.22
C ALA B 42 28.97 -0.32 -17.22
N LEU B 43 28.38 0.87 -17.07
CA LEU B 43 27.28 1.30 -17.98
C LEU B 43 27.83 1.44 -19.40
N VAL B 44 29.07 1.93 -19.54
CA VAL B 44 29.74 2.05 -20.86
C VAL B 44 29.93 0.66 -21.45
N GLU B 45 30.43 -0.28 -20.65
CA GLU B 45 30.62 -1.67 -21.13
C GLU B 45 29.26 -2.29 -21.48
N ARG B 46 28.17 -1.78 -20.92
CA ARG B 46 26.81 -2.27 -21.29
C ARG B 46 26.37 -1.62 -22.60
N GLY B 47 26.87 -0.41 -22.91
CA GLY B 47 26.55 0.25 -24.19
C GLY B 47 26.24 1.72 -24.02
N ALA B 48 26.72 2.31 -22.93
CA ALA B 48 26.50 3.76 -22.70
C ALA B 48 27.65 4.57 -23.29
N VAL B 49 27.35 5.77 -23.74
CA VAL B 49 28.38 6.66 -24.31
C VAL B 49 29.01 7.46 -23.18
N ARG B 50 30.32 7.33 -22.99
CA ARG B 50 31.04 8.07 -21.94
C ARG B 50 31.41 9.45 -22.43
N ALA B 51 30.61 10.46 -22.08
CA ALA B 51 30.94 11.84 -22.45
C ALA B 51 32.20 12.25 -21.68
N PRO B 52 33.17 12.95 -22.31
CA PRO B 52 34.41 13.35 -21.65
C PRO B 52 34.21 14.58 -20.75
N ASP B 53 33.39 15.53 -21.18
CA ASP B 53 33.12 16.76 -20.41
C ASP B 53 31.66 16.77 -19.99
N VAL B 54 31.31 17.60 -19.00
CA VAL B 54 29.89 17.75 -18.59
C VAL B 54 29.16 18.51 -19.69
N ALA B 55 29.86 19.42 -20.36
CA ALA B 55 29.29 20.21 -21.46
C ALA B 55 28.85 19.30 -22.60
N ALA B 56 29.69 18.33 -22.93
CA ALA B 56 29.41 17.42 -24.06
C ALA B 56 28.26 16.50 -23.70
N ALA B 57 28.18 16.06 -22.45
CA ALA B 57 27.03 15.25 -22.01
C ALA B 57 25.75 16.06 -22.20
N VAL B 58 25.73 17.31 -21.72
CA VAL B 58 24.53 18.19 -21.85
C VAL B 58 24.23 18.41 -23.34
N ALA B 59 25.27 18.56 -24.16
CA ALA B 59 25.09 18.83 -25.59
C ALA B 59 24.52 17.63 -26.33
N ALA B 60 24.82 16.41 -25.90
CA ALA B 60 24.40 15.19 -26.64
C ALA B 60 22.90 15.04 -26.79
N ASN B 61 22.10 15.44 -25.81
CA ASN B 61 20.65 15.16 -25.87
C ASN B 61 19.82 16.31 -25.29
N GLU B 62 18.57 16.47 -25.71
CA GLU B 62 17.66 17.50 -25.14
C GLU B 62 17.36 17.15 -23.68
N LEU B 63 17.02 15.89 -23.41
CA LEU B 63 16.67 15.49 -22.03
C LEU B 63 17.93 15.20 -21.22
N VAL B 64 18.16 16.04 -20.21
CA VAL B 64 19.33 15.85 -19.30
C VAL B 64 18.75 15.50 -17.94
N VAL B 65 19.03 14.30 -17.47
CA VAL B 65 18.50 13.83 -16.15
C VAL B 65 19.64 13.94 -15.13
N LEU B 66 19.38 14.66 -14.05
CA LEU B 66 20.40 14.85 -12.99
C LEU B 66 20.05 14.03 -11.75
N SER B 67 20.99 13.24 -11.27
CA SER B 67 20.81 12.48 -10.01
C SER B 67 21.97 12.89 -9.12
N LEU B 68 21.93 14.12 -8.64
CA LEU B 68 23.01 14.67 -7.78
C LEU B 68 22.52 14.78 -6.34
N THR B 69 23.43 15.08 -5.42
CA THR B 69 23.07 15.09 -3.98
C THR B 69 22.08 16.23 -3.71
N ASP B 70 22.28 17.38 -4.34
CA ASP B 70 21.45 18.58 -4.06
C ASP B 70 21.41 19.48 -5.29
N TYR B 71 20.69 20.60 -5.20
CA TYR B 71 20.59 21.55 -6.33
C TYR B 71 21.85 22.42 -6.37
N ASP B 72 22.54 22.54 -5.23
CA ASP B 72 23.84 23.28 -5.23
C ASP B 72 24.83 22.53 -6.10
N ALA B 73 24.71 21.21 -6.20
CA ALA B 73 25.60 20.39 -7.05
C ALA B 73 25.29 20.57 -8.54
N MET B 74 24.09 21.03 -8.90
CA MET B 74 23.78 21.35 -10.31
C MET B 74 24.51 22.64 -10.68
N TYR B 75 24.59 23.57 -9.74
CA TYR B 75 25.29 24.86 -9.98
C TYR B 75 26.77 24.56 -10.21
N ALA B 76 27.32 23.61 -9.48
CA ALA B 76 28.75 23.27 -9.61
C ALA B 76 29.02 22.57 -10.94
N LEU B 77 28.29 21.50 -11.23
CA LEU B 77 28.59 20.68 -12.44
C LEU B 77 28.18 21.40 -13.73
N LEU B 78 26.93 21.85 -13.81
CA LEU B 78 26.44 22.48 -15.06
C LEU B 78 26.91 23.93 -15.12
N GLY B 79 27.62 24.39 -14.10
CA GLY B 79 28.03 25.80 -14.04
C GLY B 79 28.88 26.24 -15.20
N PRO B 80 30.09 25.66 -15.44
CA PRO B 80 30.87 26.04 -16.61
C PRO B 80 30.07 26.18 -17.91
N ALA B 81 29.35 25.14 -18.30
CA ALA B 81 28.66 25.16 -19.61
C ALA B 81 27.20 25.55 -19.44
N ALA B 82 26.95 26.58 -18.64
CA ALA B 82 25.57 27.02 -18.38
C ALA B 82 24.95 27.60 -19.65
N ASP B 83 25.77 28.17 -20.52
CA ASP B 83 25.26 28.80 -21.75
C ASP B 83 24.68 27.71 -22.63
N ALA B 84 25.34 26.56 -22.68
CA ALA B 84 24.93 25.45 -23.55
C ALA B 84 23.73 24.67 -22.99
N LEU B 85 23.00 25.26 -22.04
CA LEU B 85 21.79 24.62 -21.46
C LEU B 85 20.57 25.08 -22.26
N ALA B 86 20.80 25.76 -23.38
CA ALA B 86 19.69 26.30 -24.18
C ALA B 86 18.98 25.20 -24.97
N GLY B 87 17.66 25.18 -24.93
CA GLY B 87 16.86 24.15 -25.62
C GLY B 87 16.79 22.86 -24.83
N LYS B 88 17.60 22.72 -23.80
CA LYS B 88 17.68 21.44 -23.06
C LYS B 88 16.60 21.35 -21.99
N VAL B 89 16.08 20.15 -21.76
CA VAL B 89 15.10 19.93 -20.66
C VAL B 89 15.86 19.20 -19.57
N VAL B 90 16.02 19.85 -18.42
CA VAL B 90 16.81 19.26 -17.31
C VAL B 90 15.82 18.66 -16.31
N VAL B 91 15.79 17.33 -16.24
CA VAL B 91 14.95 16.69 -15.20
C VAL B 91 15.84 16.52 -13.98
N ASN B 92 15.58 17.31 -12.94
CA ASN B 92 16.41 17.26 -11.72
C ASN B 92 15.76 16.33 -10.70
N LEU B 93 16.31 15.13 -10.55
CA LEU B 93 15.79 14.15 -9.58
C LEU B 93 16.64 14.24 -8.31
N SER B 94 17.19 15.42 -8.05
CA SER B 94 17.97 15.65 -6.82
C SER B 94 17.05 16.23 -5.74
N SER B 95 17.25 15.83 -4.49
CA SER B 95 16.48 16.38 -3.36
C SER B 95 16.91 17.81 -3.04
N ASP B 96 15.98 18.64 -2.61
CA ASP B 96 16.28 20.01 -2.11
C ASP B 96 14.98 20.64 -1.61
N THR B 97 15.10 21.83 -1.04
CA THR B 97 13.93 22.57 -0.53
C THR B 97 13.10 23.07 -1.72
N PRO B 98 11.75 23.13 -1.62
CA PRO B 98 10.96 23.75 -2.66
C PRO B 98 11.56 25.08 -3.13
N GLU B 99 12.09 25.87 -2.20
CA GLU B 99 12.65 27.20 -2.52
C GLU B 99 13.90 27.05 -3.40
N LYS B 100 14.81 26.16 -3.02
CA LYS B 100 16.03 25.90 -3.77
C LYS B 100 15.69 25.27 -5.12
N THR B 101 14.65 24.44 -5.15
CA THR B 101 14.21 23.77 -6.40
C THR B 101 13.65 24.83 -7.35
N ARG B 102 12.79 25.69 -6.82
CA ARG B 102 12.23 26.80 -7.62
C ARG B 102 13.37 27.64 -8.16
N ALA B 103 14.40 27.87 -7.34
CA ALA B 103 15.52 28.73 -7.76
C ALA B 103 16.34 28.06 -8.86
N GLY B 104 16.43 26.73 -8.81
CA GLY B 104 17.13 25.99 -9.87
C GLY B 104 16.41 26.13 -11.20
N ALA B 105 15.09 26.19 -11.15
CA ALA B 105 14.28 26.35 -12.38
C ALA B 105 14.57 27.70 -12.99
N ARG B 106 14.58 28.73 -12.16
CA ARG B 106 14.88 30.10 -12.62
C ARG B 106 16.31 30.10 -13.19
N TRP B 107 17.25 29.43 -12.56
CA TRP B 107 18.64 29.33 -13.07
C TRP B 107 18.65 28.63 -14.43
N ILE B 108 18.05 27.45 -14.53
CA ILE B 108 17.98 26.72 -15.84
C ILE B 108 17.30 27.63 -16.88
N ALA B 109 16.22 28.32 -16.50
CA ALA B 109 15.46 29.18 -17.42
C ALA B 109 16.27 30.41 -17.86
N GLU B 110 16.99 31.04 -16.93
CA GLU B 110 17.86 32.20 -17.26
C GLU B 110 19.01 31.77 -18.18
N HIS B 111 19.14 30.48 -18.41
CA HIS B 111 20.23 29.96 -19.29
C HIS B 111 19.61 29.28 -20.50
N GLY B 112 18.32 29.49 -20.76
CA GLY B 112 17.68 28.97 -21.98
C GLY B 112 17.11 27.58 -21.87
N GLY B 113 17.01 27.04 -20.66
CA GLY B 113 16.52 25.66 -20.49
C GLY B 113 15.19 25.59 -19.79
N THR B 114 14.73 24.37 -19.53
CA THR B 114 13.47 24.17 -18.79
C THR B 114 13.76 23.10 -17.73
N LEU B 115 13.51 23.44 -16.46
CA LEU B 115 13.73 22.45 -15.38
C LEU B 115 12.43 21.74 -15.01
N ILE B 116 12.43 20.42 -15.12
CA ILE B 116 11.30 19.62 -14.57
C ILE B 116 11.86 19.10 -13.25
N ALA B 117 11.21 19.41 -12.16
CA ALA B 117 11.65 18.93 -10.83
C ALA B 117 11.14 17.51 -10.60
N GLY B 118 11.95 16.67 -9.94
CA GLY B 118 11.58 15.28 -9.69
C GLY B 118 11.99 14.78 -8.33
N GLY B 119 11.13 13.98 -7.70
CA GLY B 119 11.42 13.35 -6.41
C GLY B 119 11.13 11.87 -6.46
N VAL B 120 12.19 11.06 -6.54
CA VAL B 120 12.03 9.59 -6.63
C VAL B 120 11.72 9.00 -5.24
N THR B 121 10.56 8.38 -5.10
CA THR B 121 10.10 7.83 -3.79
C THR B 121 10.50 6.36 -3.68
N CYS B 122 11.47 5.93 -4.49
CA CYS B 122 11.93 4.53 -4.48
C CYS B 122 13.43 4.45 -4.25
N PRO B 123 13.95 3.31 -3.74
CA PRO B 123 15.39 3.12 -3.65
C PRO B 123 15.99 2.76 -5.02
N PRO B 124 17.33 2.57 -5.20
CA PRO B 124 17.86 2.14 -6.49
C PRO B 124 17.28 0.81 -6.99
N SER B 125 16.95 -0.11 -6.09
CA SER B 125 16.36 -1.42 -6.45
C SER B 125 14.97 -1.26 -7.08
N GLY B 126 14.35 -0.09 -6.91
CA GLY B 126 13.01 0.17 -7.46
C GLY B 126 13.02 0.94 -8.77
N ILE B 127 14.18 1.34 -9.25
CA ILE B 127 14.24 1.99 -10.59
C ILE B 127 14.03 0.92 -11.66
N GLY B 128 13.03 1.13 -12.52
CA GLY B 128 12.69 0.12 -13.55
C GLY B 128 11.36 -0.53 -13.21
N SER B 129 10.94 -0.42 -11.96
CA SER B 129 9.67 -1.05 -11.51
C SER B 129 8.50 -0.10 -11.69
N PRO B 130 7.32 -0.56 -12.16
CA PRO B 130 6.14 0.30 -12.21
C PRO B 130 5.51 0.27 -10.81
N GLU B 131 6.14 -0.44 -9.86
CA GLU B 131 5.68 -0.40 -8.46
C GLU B 131 6.21 0.88 -7.84
N SER B 132 7.18 1.50 -8.49
CA SER B 132 7.83 2.68 -7.93
C SER B 132 7.21 3.95 -8.50
N SER B 133 7.37 5.05 -7.79
CA SER B 133 6.76 6.32 -8.21
C SER B 133 7.73 7.47 -8.00
N ALA B 134 7.54 8.54 -8.77
CA ALA B 134 8.34 9.75 -8.59
C ALA B 134 7.42 10.96 -8.73
N PHE B 135 7.66 11.97 -7.89
CA PHE B 135 6.89 13.22 -8.00
C PHE B 135 7.53 14.08 -9.08
N TYR B 136 6.70 14.70 -9.90
CA TYR B 136 7.22 15.62 -10.93
C TYR B 136 6.46 16.95 -10.83
N SER B 137 7.12 18.03 -11.18
CA SER B 137 6.50 19.37 -11.14
C SER B 137 7.30 20.29 -12.06
N GLY B 138 6.64 21.29 -12.62
CA GLY B 138 7.32 22.20 -13.55
C GLY B 138 6.54 22.41 -14.83
N PRO B 139 7.04 23.23 -15.77
CA PRO B 139 6.37 23.48 -17.05
C PRO B 139 5.68 22.23 -17.62
N SER B 140 4.36 22.23 -17.69
CA SER B 140 3.57 21.04 -18.12
C SER B 140 3.98 20.51 -19.49
N ALA B 141 4.29 21.38 -20.44
CA ALA B 141 4.63 20.96 -21.82
C ALA B 141 5.87 20.07 -21.83
N ALA B 142 6.92 20.48 -21.13
CA ALA B 142 8.19 19.71 -21.11
C ALA B 142 7.96 18.35 -20.46
N PHE B 143 7.18 18.35 -19.38
CA PHE B 143 6.92 17.07 -18.67
C PHE B 143 6.21 16.12 -19.63
N GLU B 144 5.16 16.58 -20.30
CA GLU B 144 4.37 15.72 -21.23
C GLU B 144 5.25 15.22 -22.37
N ARG B 145 6.14 16.05 -22.90
CA ARG B 145 7.04 15.66 -24.02
C ARG B 145 8.03 14.58 -23.56
N HIS B 146 8.37 14.53 -22.28
CA HIS B 146 9.42 13.59 -21.84
C HIS B 146 8.87 12.58 -20.82
N ARG B 147 7.57 12.64 -20.54
CA ARG B 147 6.97 11.76 -19.51
C ARG B 147 7.28 10.30 -19.82
N GLU B 148 7.22 9.91 -21.08
CA GLU B 148 7.36 8.48 -21.43
C GLU B 148 8.76 7.96 -21.13
N THR B 149 9.79 8.76 -21.38
CA THR B 149 11.18 8.32 -21.08
C THR B 149 11.36 8.26 -19.55
N LEU B 150 10.70 9.15 -18.81
CA LEU B 150 10.81 9.15 -17.33
C LEU B 150 9.99 7.99 -16.76
N ARG B 151 8.95 7.55 -17.48
CA ARG B 151 8.12 6.40 -17.05
C ARG B 151 8.94 5.12 -17.10
N THR B 152 10.04 5.13 -17.87
CA THR B 152 10.95 3.96 -17.91
C THR B 152 11.56 3.72 -16.52
N LEU B 153 11.72 4.77 -15.73
CA LEU B 153 12.36 4.65 -14.40
C LEU B 153 11.30 4.39 -13.33
N THR B 154 10.31 5.26 -13.26
CA THR B 154 9.26 5.16 -12.22
C THR B 154 7.93 5.63 -12.78
N ARG B 155 6.88 5.49 -11.99
CA ARG B 155 5.58 6.07 -12.40
C ARG B 155 5.66 7.60 -12.24
N THR B 156 4.79 8.33 -12.91
CA THR B 156 4.85 9.81 -12.92
C THR B 156 3.70 10.41 -12.12
N ASP B 157 4.01 11.10 -11.03
CA ASP B 157 2.97 11.78 -10.22
C ASP B 157 3.20 13.28 -10.39
N TYR B 158 2.56 13.87 -11.40
CA TYR B 158 2.70 15.32 -11.66
C TYR B 158 1.92 16.07 -10.61
N ARG B 159 2.57 17.00 -9.93
CA ARG B 159 1.91 17.70 -8.80
C ARG B 159 1.69 19.18 -9.16
N GLY B 160 2.03 19.60 -10.37
CA GLY B 160 1.73 20.97 -10.81
C GLY B 160 2.83 21.70 -11.56
N GLU B 161 2.62 22.98 -11.86
CA GLU B 161 3.58 23.78 -12.65
C GLU B 161 4.65 24.42 -11.77
N ASP B 162 4.36 24.63 -10.49
CA ASP B 162 5.37 25.17 -9.54
C ASP B 162 6.47 24.10 -9.41
N PRO B 163 7.75 24.39 -9.73
CA PRO B 163 8.78 23.38 -9.66
C PRO B 163 9.00 22.91 -8.21
N GLY B 164 8.62 23.74 -7.23
CA GLY B 164 8.80 23.39 -5.82
C GLY B 164 7.81 22.36 -5.32
N LEU B 165 6.82 22.00 -6.13
CA LEU B 165 5.76 21.09 -5.63
C LEU B 165 6.26 19.64 -5.50
N ALA B 166 7.08 19.16 -6.43
CA ALA B 166 7.65 17.81 -6.35
C ALA B 166 8.54 17.72 -5.11
N ALA B 167 9.30 18.77 -4.86
CA ALA B 167 10.20 18.81 -3.69
C ALA B 167 9.38 18.81 -2.41
N LEU B 168 8.34 19.64 -2.34
CA LEU B 168 7.45 19.67 -1.15
C LEU B 168 6.89 18.29 -0.88
N TRP B 169 6.27 17.67 -1.88
CA TRP B 169 5.69 16.32 -1.73
C TRP B 169 6.76 15.30 -1.34
N TYR B 170 7.97 15.42 -1.88
CA TYR B 170 9.09 14.52 -1.51
C TYR B 170 9.47 14.72 -0.04
N GLN B 171 9.60 15.97 0.41
CA GLN B 171 10.02 16.25 1.79
C GLN B 171 8.91 15.81 2.76
N ILE B 172 7.65 15.85 2.31
CA ILE B 172 6.51 15.40 3.15
C ILE B 172 6.62 13.89 3.38
N GLY B 173 6.97 13.13 2.35
CA GLY B 173 7.16 11.68 2.52
C GLY B 173 8.45 11.34 3.23
N MET B 174 9.47 12.18 3.10
CA MET B 174 10.81 11.92 3.66
C MET B 174 10.89 12.22 5.16
N VAL B 175 10.08 13.13 5.67
CA VAL B 175 10.06 13.46 7.13
C VAL B 175 9.49 12.26 7.87
N MET B 176 8.52 11.59 7.27
CA MET B 176 7.93 10.37 7.87
C MET B 176 8.88 9.20 7.64
N TRP B 177 9.47 9.13 6.46
CA TRP B 177 10.38 8.03 6.09
C TRP B 177 11.60 8.02 7.01
N TRP B 178 12.35 9.12 7.02
CA TRP B 178 13.56 9.24 7.87
C TRP B 178 13.22 9.01 9.35
N ASN B 179 12.08 9.49 9.83
CA ASN B 179 11.73 9.36 11.26
C ASN B 179 11.44 7.89 11.60
N ALA B 180 10.67 7.21 10.76
CA ALA B 180 10.38 5.78 10.97
C ALA B 180 11.67 4.96 10.91
N MET B 181 12.59 5.35 10.03
CA MET B 181 13.82 4.56 9.84
C MET B 181 14.87 4.88 10.90
N LEU B 182 14.83 6.08 11.46
CA LEU B 182 15.74 6.40 12.58
C LEU B 182 15.18 5.68 13.81
N GLY B 183 13.86 5.50 13.88
CA GLY B 183 13.26 4.71 14.96
C GLY B 183 13.61 3.25 14.82
N TYR B 184 13.71 2.75 13.60
CA TYR B 184 14.15 1.35 13.38
C TYR B 184 15.58 1.20 13.88
N LEU B 185 16.45 2.14 13.55
CA LEU B 185 17.85 2.11 14.03
C LEU B 185 17.88 2.12 15.55
N GLN B 186 17.02 2.92 16.18
CA GLN B 186 16.94 2.99 17.66
C GLN B 186 16.42 1.65 18.19
N ALA B 187 15.45 1.05 17.51
CA ALA B 187 14.95 -0.28 17.88
C ALA B 187 16.07 -1.31 17.75
N VAL B 188 16.86 -1.26 16.68
CA VAL B 188 17.99 -2.20 16.45
C VAL B 188 19.03 -2.01 17.56
N ALA B 189 19.29 -0.77 17.94
CA ALA B 189 20.31 -0.48 18.95
C ALA B 189 19.85 -0.90 20.35
N LEU B 190 18.58 -0.72 20.66
CA LEU B 190 18.03 -1.17 21.95
C LEU B 190 18.07 -2.69 21.99
N ALA B 191 17.79 -3.32 20.85
CA ALA B 191 17.78 -4.79 20.77
C ALA B 191 19.20 -5.33 20.94
N ASP B 192 20.19 -4.72 20.28
CA ASP B 192 21.60 -5.13 20.42
C ASP B 192 22.03 -5.00 21.87
N ALA B 193 21.65 -3.90 22.51
CA ALA B 193 21.99 -3.64 23.92
C ALA B 193 21.33 -4.68 24.83
N ASN B 194 20.38 -5.45 24.29
CA ASN B 194 19.65 -6.46 25.10
C ASN B 194 19.83 -7.84 24.46
N GLY B 195 20.91 -8.05 23.71
CA GLY B 195 21.25 -9.38 23.17
C GLY B 195 20.48 -9.82 21.93
N LEU B 196 19.73 -8.91 21.34
CA LEU B 196 18.87 -9.29 20.20
C LEU B 196 19.45 -8.74 18.90
N LYS B 197 19.48 -9.55 17.87
CA LYS B 197 19.94 -9.10 16.55
C LYS B 197 18.79 -8.42 15.80
N ALA B 198 19.11 -7.66 14.78
CA ALA B 198 18.09 -6.99 13.96
C ALA B 198 17.14 -8.01 13.37
N ALA B 199 17.63 -9.20 13.01
CA ALA B 199 16.79 -10.27 12.45
C ALA B 199 15.73 -10.70 13.47
N ASP B 200 16.07 -10.71 14.75
CA ASP B 200 15.13 -11.13 15.82
C ASP B 200 14.00 -10.11 15.99
N ILE B 201 14.23 -8.84 15.64
CA ILE B 201 13.24 -7.77 15.88
C ILE B 201 12.56 -7.39 14.56
N LEU B 202 13.13 -7.80 13.43
CA LEU B 202 12.61 -7.49 12.08
C LEU B 202 11.13 -7.88 11.96
N PRO B 203 10.64 -9.11 12.28
CA PRO B 203 9.22 -9.39 12.11
C PRO B 203 8.31 -8.41 12.86
N HIS B 204 8.57 -8.18 14.15
CA HIS B 204 7.77 -7.23 14.95
C HIS B 204 7.87 -5.81 14.37
N ALA B 205 9.06 -5.43 13.90
CA ALA B 205 9.27 -4.10 13.33
C ALA B 205 8.45 -3.96 12.06
N SER B 206 8.36 -5.02 11.29
CA SER B 206 7.61 -4.99 10.02
C SER B 206 6.12 -5.07 10.30
N ASP B 207 5.71 -5.69 11.41
CA ASP B 207 4.29 -5.71 11.82
C ASP B 207 3.90 -4.34 12.36
N THR B 208 4.84 -3.61 12.96
CA THR B 208 4.59 -2.28 13.54
C THR B 208 4.36 -1.27 12.42
N VAL B 209 5.17 -1.33 11.38
CA VAL B 209 5.07 -0.33 10.27
C VAL B 209 3.98 -0.71 9.27
N ALA B 210 3.55 -1.97 9.25
CA ALA B 210 2.44 -2.37 8.36
C ALA B 210 1.10 -1.98 8.98
N GLY B 211 1.05 -1.78 10.30
CA GLY B 211 -0.18 -1.32 10.97
C GLY B 211 -0.30 0.19 10.93
N LEU B 212 0.73 0.88 10.45
CA LEU B 212 0.76 2.36 10.42
C LEU B 212 -0.32 2.94 9.50
N PRO B 213 -0.54 2.47 8.25
CA PRO B 213 -1.54 3.09 7.38
C PRO B 213 -2.91 3.28 8.07
N PHE B 214 -3.27 2.39 8.99
CA PHE B 214 -4.54 2.53 9.75
C PHE B 214 -4.52 3.79 10.59
N PHE B 215 -3.39 4.11 11.23
CA PHE B 215 -3.31 5.27 12.15
C PHE B 215 -3.21 6.56 11.35
N LEU B 216 -2.62 6.48 10.16
CA LEU B 216 -2.52 7.69 9.32
C LEU B 216 -3.94 8.10 8.94
N ARG B 217 -4.76 7.14 8.52
CA ARG B 217 -6.17 7.41 8.14
C ARG B 217 -6.97 7.83 9.38
N PHE B 218 -6.84 7.10 10.48
CA PHE B 218 -7.60 7.41 11.72
C PHE B 218 -7.41 8.87 12.09
N TYR B 219 -6.17 9.35 12.06
CA TYR B 219 -5.87 10.72 12.53
C TYR B 219 -6.01 11.77 11.42
N ALA B 220 -6.20 11.38 10.17
CA ALA B 220 -6.26 12.39 9.07
C ALA B 220 -7.49 13.28 9.20
N ASP B 221 -8.67 12.67 9.15
CA ASP B 221 -9.93 13.44 9.23
C ASP B 221 -10.00 14.16 10.56
N ARG B 222 -9.52 13.53 11.63
CA ARG B 222 -9.54 14.14 12.97
C ARG B 222 -8.69 15.41 12.98
N ILE B 223 -7.51 15.37 12.39
CA ILE B 223 -6.59 16.56 12.40
C ILE B 223 -7.22 17.63 11.52
N ASP B 224 -7.71 17.25 10.34
CA ASP B 224 -8.25 18.23 9.38
C ASP B 224 -9.53 18.88 9.94
N THR B 225 -10.20 18.24 10.89
CA THR B 225 -11.45 18.78 11.49
C THR B 225 -11.21 19.43 12.84
N GLY B 226 -9.99 19.37 13.36
CA GLY B 226 -9.66 19.93 14.68
C GLY B 226 -10.17 19.06 15.81
N HIS B 227 -10.48 17.80 15.53
CA HIS B 227 -10.97 16.85 16.56
C HIS B 227 -9.76 16.13 17.20
N HIS B 228 -9.28 16.67 18.31
CA HIS B 228 -8.10 16.09 18.98
C HIS B 228 -8.53 15.58 20.36
N GLY B 229 -9.61 14.79 20.39
CA GLY B 229 -10.13 14.27 21.65
C GLY B 229 -9.37 13.06 22.14
N GLY B 230 -9.37 12.84 23.44
CA GLY B 230 -8.65 11.69 24.02
C GLY B 230 -9.49 10.43 24.07
N ASP B 231 -10.20 10.12 22.99
CA ASP B 231 -11.08 8.94 22.92
C ASP B 231 -10.27 7.67 22.70
N ALA B 232 -9.24 7.73 21.85
CA ALA B 232 -8.39 6.55 21.58
C ALA B 232 -7.04 6.70 22.30
N ASP B 233 -6.60 7.93 22.55
CA ASP B 233 -5.28 8.16 23.18
C ASP B 233 -5.24 9.52 23.86
N ARG B 234 -4.57 9.59 25.00
CA ARG B 234 -4.35 10.87 25.69
C ARG B 234 -2.86 11.17 25.55
N LEU B 235 -2.49 12.42 25.29
CA LEU B 235 -1.07 12.80 25.12
C LEU B 235 -0.30 12.37 26.36
N ALA B 236 -0.89 12.49 27.55
CA ALA B 236 -0.15 12.20 28.78
C ALA B 236 0.21 10.72 28.85
N MET B 237 -0.62 9.86 28.27
CA MET B 237 -0.30 8.41 28.22
C MET B 237 0.84 8.22 27.20
N GLY B 238 0.84 9.00 26.13
CA GLY B 238 1.91 8.91 25.14
C GLY B 238 3.19 9.54 25.63
N THR B 239 3.10 10.63 26.39
CA THR B 239 4.28 11.29 26.99
C THR B 239 4.95 10.29 27.92
N ALA B 240 4.16 9.51 28.63
CA ALA B 240 4.70 8.42 29.46
C ALA B 240 5.32 7.34 28.59
N SER B 241 4.68 6.98 27.48
CA SER B 241 5.19 5.93 26.54
C SER B 241 6.52 6.34 25.90
N VAL B 242 6.65 7.60 25.51
CA VAL B 242 7.94 8.09 24.94
C VAL B 242 8.99 8.20 26.06
N GLU B 243 8.56 8.52 27.28
CA GLU B 243 9.48 8.55 28.43
C GLU B 243 9.94 7.14 28.76
N HIS B 244 9.09 6.14 28.49
CA HIS B 244 9.45 4.74 28.73
C HIS B 244 10.52 4.34 27.73
N ILE B 245 10.36 4.69 26.46
CA ILE B 245 11.38 4.42 25.42
C ILE B 245 12.67 5.06 25.86
N LEU B 246 12.61 6.33 26.27
CA LEU B 246 13.82 7.10 26.64
C LEU B 246 14.58 6.40 27.75
N HIS B 247 13.88 6.05 28.83
CA HIS B 247 14.55 5.47 30.01
C HIS B 247 14.91 4.01 29.73
N THR B 248 14.11 3.32 28.93
CA THR B 248 14.45 1.94 28.53
C THR B 248 15.81 2.01 27.80
N MET B 249 16.00 3.02 26.98
CA MET B 249 17.24 3.18 26.21
C MET B 249 18.38 3.65 27.11
N ALA B 250 18.12 4.56 28.02
CA ALA B 250 19.14 5.03 28.97
C ALA B 250 19.57 3.87 29.88
N ASP B 251 18.63 3.04 30.28
CA ASP B 251 18.92 1.89 31.17
C ASP B 251 19.67 0.82 30.37
N SER B 252 19.64 0.91 29.05
CA SER B 252 20.29 -0.10 28.19
C SER B 252 21.59 0.47 27.59
N GLY B 253 21.96 1.69 27.98
CA GLY B 253 23.20 2.31 27.50
C GLY B 253 23.12 2.72 26.04
N VAL B 254 21.92 2.95 25.54
CA VAL B 254 21.73 3.43 24.15
C VAL B 254 21.68 4.95 24.19
N ASP B 255 22.26 5.61 23.19
CA ASP B 255 22.23 7.09 23.10
C ASP B 255 20.79 7.59 23.23
N THR B 256 20.58 8.61 24.06
CA THR B 256 19.21 9.12 24.35
C THR B 256 18.92 10.44 23.64
N ALA B 257 19.78 10.90 22.75
CA ALA B 257 19.60 12.22 22.09
C ALA B 257 18.31 12.27 21.29
N LEU B 258 18.10 11.31 20.40
CA LEU B 258 16.85 11.26 19.59
C LEU B 258 15.63 11.02 20.49
N PRO B 259 15.58 10.06 21.45
CA PRO B 259 14.43 9.95 22.34
C PRO B 259 14.23 11.13 23.31
N GLU B 260 15.26 11.89 23.64
CA GLU B 260 15.09 13.10 24.48
C GLU B 260 14.30 14.12 23.68
N ALA B 261 14.57 14.21 22.38
CA ALA B 261 13.92 15.21 21.52
C ALA B 261 12.42 14.91 21.41
N VAL B 262 12.07 13.63 21.25
CA VAL B 262 10.65 13.21 21.17
C VAL B 262 9.97 13.47 22.51
N VAL B 263 10.63 13.13 23.60
CA VAL B 263 10.08 13.40 24.96
C VAL B 263 9.87 14.90 25.13
N ALA B 264 10.83 15.72 24.69
CA ALA B 264 10.73 17.18 24.81
C ALA B 264 9.53 17.69 24.01
N PHE B 265 9.26 17.06 22.88
CA PHE B 265 8.13 17.49 22.03
C PHE B 265 6.80 17.16 22.69
N PHE B 266 6.70 15.98 23.32
CA PHE B 266 5.45 15.57 23.98
C PHE B 266 5.21 16.46 25.21
N ARG B 267 6.29 16.84 25.89
CA ARG B 267 6.19 17.67 27.11
C ARG B 267 5.79 19.10 26.72
N ARG B 268 6.14 19.51 25.51
CA ARG B 268 5.70 20.83 25.02
C ARG B 268 4.19 20.80 24.87
N GLY B 269 3.63 19.70 24.37
CA GLY B 269 2.17 19.57 24.25
C GLY B 269 1.51 19.58 25.60
N GLU B 270 2.08 18.90 26.57
CA GLU B 270 1.54 18.93 27.94
C GLU B 270 1.57 20.37 28.48
N ALA B 271 2.64 21.10 28.21
CA ALA B 271 2.78 22.49 28.70
C ALA B 271 1.83 23.44 27.98
N ALA B 272 1.43 23.11 26.75
CA ALA B 272 0.48 23.95 26.00
C ALA B 272 -0.97 23.57 26.33
N GLY B 273 -1.20 22.55 27.15
CA GLY B 273 -2.55 22.20 27.61
C GLY B 273 -3.21 21.08 26.83
N TYR B 274 -2.41 20.17 26.28
CA TYR B 274 -2.96 19.12 25.39
C TYR B 274 -2.85 17.73 26.02
N ALA B 275 -2.52 17.63 27.31
CA ALA B 275 -2.30 16.33 28.01
C ALA B 275 -3.51 15.41 27.97
N GLU B 276 -4.71 15.97 28.11
CA GLU B 276 -5.96 15.17 28.13
C GLU B 276 -6.46 15.01 26.70
N ASN B 277 -5.81 15.67 25.76
CA ASN B 277 -6.17 15.59 24.32
C ASN B 277 -5.32 14.52 23.65
N SER B 278 -5.68 14.14 22.44
CA SER B 278 -4.89 13.15 21.66
C SER B 278 -3.49 13.67 21.39
N PHE B 279 -2.52 12.78 21.16
CA PHE B 279 -1.17 13.20 20.74
C PHE B 279 -1.27 13.97 19.43
N SER B 280 -2.34 13.75 18.66
CA SER B 280 -2.56 14.44 17.36
C SER B 280 -2.57 15.96 17.54
N SER B 281 -2.89 16.41 18.75
CA SER B 281 -2.98 17.85 19.06
C SER B 281 -1.64 18.54 18.87
N MET B 282 -0.56 17.77 18.87
CA MET B 282 0.79 18.36 18.79
C MET B 282 1.08 18.80 17.36
N VAL B 283 0.16 18.55 16.43
CA VAL B 283 0.31 19.10 15.06
C VAL B 283 0.15 20.62 15.17
N GLU B 284 -0.60 21.08 16.16
CA GLU B 284 -0.88 22.54 16.34
C GLU B 284 0.35 23.25 16.91
N LEU B 285 1.31 22.49 17.43
CA LEU B 285 2.56 23.10 17.92
C LEU B 285 3.56 23.15 16.75
N LEU B 286 3.36 22.29 15.76
CA LEU B 286 4.26 22.25 14.59
C LEU B 286 3.82 23.28 13.56
N LYS B 287 2.53 23.58 13.50
CA LYS B 287 2.03 24.53 12.48
C LYS B 287 2.71 25.89 12.66
N LYS B 288 3.35 26.15 13.81
CA LYS B 288 4.14 27.41 14.03
C LYS B 288 5.61 27.13 14.39
N PRO B 289 6.58 27.99 14.04
CA PRO B 289 8.01 27.73 14.28
C PRO B 289 8.60 28.42 15.51
N ARG C 3 -5.66 35.18 -20.23
CA ARG C 3 -5.03 33.84 -20.42
C ARG C 3 -6.10 32.75 -20.55
N PRO C 4 -7.04 32.52 -19.61
CA PRO C 4 -7.98 31.39 -19.73
C PRO C 4 -8.99 31.62 -20.86
N ALA C 5 -8.90 30.82 -21.94
CA ALA C 5 -9.76 31.01 -23.13
C ALA C 5 -11.20 30.56 -22.90
N PRO C 6 -12.19 31.14 -23.62
CA PRO C 6 -13.59 30.70 -23.52
C PRO C 6 -13.86 29.34 -24.19
N LEU C 7 -14.91 28.65 -23.73
CA LEU C 7 -15.23 27.31 -24.27
C LEU C 7 -16.69 26.93 -24.02
N THR C 8 -17.23 26.05 -24.85
CA THR C 8 -18.60 25.53 -24.59
C THR C 8 -18.47 24.11 -24.05
N LEU C 9 -19.18 23.80 -22.97
CA LEU C 9 -19.18 22.41 -22.45
C LEU C 9 -20.61 21.85 -22.54
N ILE C 10 -20.82 20.85 -23.38
CA ILE C 10 -22.12 20.15 -23.43
C ILE C 10 -21.87 18.79 -22.78
N GLY C 11 -22.79 18.34 -21.94
CA GLY C 11 -22.57 17.10 -21.19
C GLY C 11 -22.29 17.47 -19.75
N LEU C 12 -23.35 17.53 -18.93
CA LEU C 12 -23.16 17.99 -17.54
C LEU C 12 -23.57 16.86 -16.60
N GLY C 13 -22.95 15.70 -16.75
CA GLY C 13 -23.15 14.62 -15.77
C GLY C 13 -22.12 14.73 -14.66
N PRO C 14 -21.79 13.65 -13.92
CA PRO C 14 -20.74 13.73 -12.92
C PRO C 14 -19.42 14.34 -13.43
N MET C 15 -18.96 13.97 -14.62
CA MET C 15 -17.65 14.44 -15.17
C MET C 15 -17.73 15.88 -15.67
N GLY C 16 -18.62 16.18 -16.61
CA GLY C 16 -18.73 17.53 -17.18
C GLY C 16 -19.10 18.57 -16.14
N GLN C 17 -19.87 18.19 -15.12
CA GLN C 17 -20.13 19.16 -14.03
C GLN C 17 -18.81 19.54 -13.37
N ALA C 18 -18.04 18.54 -12.96
CA ALA C 18 -16.72 18.82 -12.32
C ALA C 18 -15.81 19.54 -13.31
N MET C 19 -15.92 19.21 -14.59
CA MET C 19 -15.07 19.83 -15.62
C MET C 19 -15.39 21.32 -15.67
N GLY C 20 -16.65 21.68 -15.81
CA GLY C 20 -17.05 23.09 -15.80
C GLY C 20 -16.62 23.81 -14.54
N ASN C 21 -16.66 23.13 -13.39
CA ASN C 21 -16.20 23.76 -12.13
C ASN C 21 -14.73 24.11 -12.30
N ALA C 22 -13.91 23.14 -12.67
CA ALA C 22 -12.46 23.36 -12.78
C ALA C 22 -12.13 24.48 -13.77
N LEU C 23 -12.95 24.68 -14.79
CA LEU C 23 -12.67 25.70 -15.84
C LEU C 23 -13.05 27.09 -15.33
N LEU C 24 -14.26 27.25 -14.79
CA LEU C 24 -14.69 28.53 -14.18
C LEU C 24 -13.70 28.90 -13.08
N ASP C 25 -13.25 27.90 -12.31
CA ASP C 25 -12.27 28.11 -11.24
C ASP C 25 -11.01 28.77 -11.81
N ARG C 26 -10.51 28.27 -12.94
CA ARG C 26 -9.29 28.82 -13.58
C ARG C 26 -9.59 30.18 -14.25
N GLY C 27 -10.86 30.48 -14.52
CA GLY C 27 -11.23 31.76 -15.13
C GLY C 27 -11.62 31.64 -16.58
N HIS C 28 -12.14 30.49 -17.00
CA HIS C 28 -12.46 30.26 -18.43
C HIS C 28 -13.88 30.73 -18.73
N GLY C 29 -14.13 31.13 -19.98
CA GLY C 29 -15.48 31.60 -20.38
C GLY C 29 -16.40 30.45 -20.70
N LEU C 30 -17.08 29.91 -19.70
CA LEU C 30 -17.88 28.68 -19.93
C LEU C 30 -19.29 28.94 -20.43
N THR C 31 -19.67 28.26 -21.51
CA THR C 31 -21.05 28.31 -22.03
C THR C 31 -21.54 26.87 -21.94
N VAL C 32 -22.59 26.59 -21.19
CA VAL C 32 -22.99 25.17 -20.96
C VAL C 32 -24.37 24.86 -21.56
N TRP C 33 -24.48 23.77 -22.29
CA TRP C 33 -25.82 23.32 -22.78
C TRP C 33 -25.95 21.84 -22.43
N ASN C 34 -27.18 21.38 -22.20
CA ASN C 34 -27.41 19.97 -21.82
C ASN C 34 -28.82 19.53 -22.20
N ARG C 35 -28.98 18.28 -22.66
CA ARG C 35 -30.31 17.73 -22.95
C ARG C 35 -31.20 18.02 -21.75
N THR C 36 -30.75 17.61 -20.56
CA THR C 36 -31.50 17.98 -19.34
C THR C 36 -31.00 19.38 -18.96
N ALA C 37 -31.78 20.41 -19.24
CA ALA C 37 -31.34 21.79 -18.98
C ALA C 37 -31.26 22.10 -17.48
N SER C 38 -31.92 21.29 -16.66
CA SER C 38 -31.86 21.47 -15.20
C SER C 38 -30.42 21.27 -14.72
N ARG C 39 -29.66 20.42 -15.40
CA ARG C 39 -28.30 20.09 -14.90
C ARG C 39 -27.40 21.33 -15.00
N ALA C 40 -27.67 22.19 -15.99
CA ALA C 40 -26.87 23.41 -16.16
C ALA C 40 -27.36 24.53 -15.24
N ASP C 41 -27.35 24.34 -13.93
CA ASP C 41 -27.94 25.42 -13.09
C ASP C 41 -26.94 25.91 -12.04
N ALA C 42 -26.26 24.99 -11.36
CA ALA C 42 -25.25 25.38 -10.35
C ALA C 42 -24.05 26.00 -11.07
N LEU C 43 -23.67 25.44 -12.20
CA LEU C 43 -22.53 25.98 -12.97
C LEU C 43 -22.99 27.33 -13.52
N VAL C 44 -24.23 27.42 -13.97
CA VAL C 44 -24.77 28.69 -14.54
C VAL C 44 -24.79 29.75 -13.42
N GLU C 45 -25.09 29.33 -12.20
CA GLU C 45 -25.13 30.26 -11.05
C GLU C 45 -23.69 30.67 -10.68
N ARG C 46 -22.70 29.84 -10.99
CA ARG C 46 -21.30 30.15 -10.59
C ARG C 46 -20.61 31.03 -11.63
N GLY C 47 -21.23 31.25 -12.79
CA GLY C 47 -20.66 32.17 -13.79
C GLY C 47 -20.75 31.65 -15.21
N ALA C 48 -21.64 30.69 -15.46
CA ALA C 48 -21.73 30.07 -16.80
C ALA C 48 -22.98 30.55 -17.54
N VAL C 49 -22.91 30.59 -18.87
CA VAL C 49 -24.03 31.12 -19.67
C VAL C 49 -24.81 29.94 -20.27
N ARG C 50 -26.11 29.89 -19.99
CA ARG C 50 -26.93 28.81 -20.58
C ARG C 50 -27.21 29.17 -22.02
N ALA C 51 -26.61 28.45 -22.95
CA ALA C 51 -26.97 28.70 -24.36
C ALA C 51 -28.42 28.26 -24.55
N PRO C 52 -29.28 29.04 -25.22
CA PRO C 52 -30.68 28.66 -25.35
C PRO C 52 -30.88 27.47 -26.30
N ASP C 53 -29.92 27.23 -27.20
CA ASP C 53 -29.97 26.06 -28.12
C ASP C 53 -28.56 25.51 -28.32
N VAL C 54 -28.43 24.27 -28.74
CA VAL C 54 -27.09 23.69 -29.05
C VAL C 54 -26.46 24.51 -30.18
N ALA C 55 -27.25 24.94 -31.15
CA ALA C 55 -26.73 25.80 -32.24
C ALA C 55 -26.00 27.01 -31.66
N ALA C 56 -26.58 27.66 -30.65
CA ALA C 56 -25.95 28.84 -30.01
C ALA C 56 -24.75 28.40 -29.18
N ALA C 57 -24.86 27.23 -28.55
CA ALA C 57 -23.73 26.70 -27.76
C ALA C 57 -22.55 26.50 -28.69
N VAL C 58 -22.76 25.75 -29.77
CA VAL C 58 -21.66 25.46 -30.72
C VAL C 58 -21.09 26.79 -31.23
N ALA C 59 -21.93 27.81 -31.42
CA ALA C 59 -21.45 29.07 -32.03
C ALA C 59 -20.78 29.99 -31.01
N ALA C 60 -21.09 29.86 -29.72
CA ALA C 60 -20.55 30.79 -28.70
C ALA C 60 -19.03 30.82 -28.74
N ASN C 61 -18.41 29.65 -28.90
CA ASN C 61 -16.93 29.52 -28.87
C ASN C 61 -16.46 28.59 -29.99
N GLU C 62 -15.14 28.48 -30.17
CA GLU C 62 -14.58 27.58 -31.18
C GLU C 62 -14.40 26.19 -30.54
N LEU C 63 -14.11 26.14 -29.25
CA LEU C 63 -13.89 24.85 -28.55
C LEU C 63 -15.21 24.32 -27.98
N VAL C 64 -15.63 23.14 -28.44
CA VAL C 64 -16.84 22.47 -27.89
C VAL C 64 -16.37 21.20 -27.18
N VAL C 65 -16.50 21.16 -25.86
CA VAL C 65 -16.05 19.98 -25.09
C VAL C 65 -17.28 19.12 -24.81
N LEU C 66 -17.15 17.80 -24.99
CA LEU C 66 -18.33 16.90 -24.83
C LEU C 66 -18.09 15.83 -23.76
N SER C 67 -18.95 15.76 -22.75
CA SER C 67 -18.89 14.65 -21.75
C SER C 67 -20.24 13.93 -21.76
N LEU C 68 -20.41 13.01 -22.72
CA LEU C 68 -21.67 12.24 -22.90
C LEU C 68 -21.39 10.76 -22.72
N THR C 69 -22.43 9.94 -22.47
CA THR C 69 -22.23 8.49 -22.22
C THR C 69 -21.53 7.83 -23.41
N ASP C 70 -21.78 8.32 -24.62
CA ASP C 70 -21.21 7.67 -25.83
C ASP C 70 -21.20 8.67 -26.98
N TYR C 71 -20.73 8.22 -28.15
CA TYR C 71 -20.61 9.13 -29.31
C TYR C 71 -21.96 9.32 -29.99
N ASP C 72 -22.91 8.40 -29.80
CA ASP C 72 -24.28 8.54 -30.35
C ASP C 72 -24.93 9.78 -29.74
N ALA C 73 -24.71 10.02 -28.44
CA ALA C 73 -25.24 11.22 -27.76
C ALA C 73 -24.75 12.49 -28.47
N MET C 74 -23.51 12.49 -28.98
CA MET C 74 -22.97 13.68 -29.70
C MET C 74 -23.82 13.97 -30.93
N TYR C 75 -24.05 12.95 -31.76
CA TYR C 75 -24.85 13.14 -32.98
C TYR C 75 -26.25 13.63 -32.61
N ALA C 76 -26.78 13.14 -31.50
CA ALA C 76 -28.16 13.49 -31.13
C ALA C 76 -28.24 14.93 -30.64
N LEU C 77 -27.14 15.46 -30.10
CA LEU C 77 -27.17 16.81 -29.51
C LEU C 77 -26.70 17.82 -30.55
N LEU C 78 -25.74 17.43 -31.38
CA LEU C 78 -25.15 18.39 -32.34
C LEU C 78 -25.79 18.24 -33.71
N GLY C 79 -26.53 17.16 -33.94
CA GLY C 79 -27.26 16.97 -35.20
C GLY C 79 -28.13 18.16 -35.55
N PRO C 80 -29.00 18.66 -34.64
CA PRO C 80 -29.75 19.89 -34.92
C PRO C 80 -28.88 21.07 -35.37
N ALA C 81 -27.60 21.14 -34.96
CA ALA C 81 -26.70 22.26 -35.30
C ALA C 81 -25.56 21.83 -36.21
N ALA C 82 -25.71 20.75 -36.97
CA ALA C 82 -24.61 20.21 -37.79
C ALA C 82 -23.84 21.30 -38.53
N ASP C 83 -24.53 22.19 -39.23
CA ASP C 83 -23.83 23.20 -40.07
C ASP C 83 -23.00 24.17 -39.22
N ALA C 84 -23.39 24.41 -37.95
CA ALA C 84 -22.69 25.37 -37.07
C ALA C 84 -21.35 24.84 -36.58
N LEU C 85 -20.99 23.62 -36.96
CA LEU C 85 -19.73 23.00 -36.50
C LEU C 85 -18.55 23.50 -37.34
N ALA C 86 -18.81 24.39 -38.29
CA ALA C 86 -17.73 24.86 -39.20
C ALA C 86 -16.71 25.69 -38.43
N GLY C 87 -15.43 25.33 -38.54
CA GLY C 87 -14.36 26.00 -37.78
C GLY C 87 -14.35 25.60 -36.32
N LYS C 88 -15.35 24.84 -35.89
CA LYS C 88 -15.46 24.51 -34.46
C LYS C 88 -14.57 23.30 -34.16
N VAL C 89 -14.02 23.22 -32.96
CA VAL C 89 -13.19 22.05 -32.55
C VAL C 89 -13.93 21.29 -31.45
N VAL C 90 -14.35 20.07 -31.73
CA VAL C 90 -15.10 19.26 -30.73
C VAL C 90 -14.14 18.31 -30.01
N VAL C 91 -13.87 18.57 -28.73
CA VAL C 91 -13.04 17.64 -27.92
C VAL C 91 -14.02 16.73 -27.18
N ASN C 92 -14.23 15.54 -27.72
CA ASN C 92 -15.19 14.57 -27.14
C ASN C 92 -14.48 13.74 -26.09
N LEU C 93 -14.79 13.98 -24.83
CA LEU C 93 -14.22 13.20 -23.72
C LEU C 93 -15.21 12.09 -23.38
N SER C 94 -15.83 11.52 -24.38
CA SER C 94 -16.82 10.44 -24.18
C SER C 94 -16.24 9.10 -24.60
N SER C 95 -16.55 8.05 -23.84
CA SER C 95 -16.07 6.69 -24.16
C SER C 95 -16.83 6.11 -25.35
N ASP C 96 -16.10 5.42 -26.22
CA ASP C 96 -16.70 4.66 -27.32
C ASP C 96 -15.60 3.81 -27.94
N THR C 97 -15.96 2.99 -28.92
CA THR C 97 -14.99 2.14 -29.63
C THR C 97 -14.16 3.05 -30.53
N PRO C 98 -12.89 2.71 -30.81
CA PRO C 98 -12.09 3.48 -31.75
C PRO C 98 -12.82 3.74 -33.08
N GLU C 99 -13.57 2.77 -33.59
CA GLU C 99 -14.28 2.92 -34.89
C GLU C 99 -15.42 3.94 -34.76
N LYS C 100 -16.17 3.89 -33.67
CA LYS C 100 -17.29 4.83 -33.44
C LYS C 100 -16.71 6.22 -33.12
N THR C 101 -15.52 6.27 -32.55
CA THR C 101 -14.84 7.56 -32.26
C THR C 101 -14.45 8.19 -33.58
N ARG C 102 -13.93 7.39 -34.50
CA ARG C 102 -13.53 7.89 -35.84
C ARG C 102 -14.75 8.26 -36.65
N ALA C 103 -15.86 7.54 -36.48
CA ALA C 103 -17.12 7.87 -37.18
C ALA C 103 -17.61 9.24 -36.72
N GLY C 104 -17.50 9.50 -35.43
CA GLY C 104 -17.84 10.86 -34.95
C GLY C 104 -16.95 11.89 -35.61
N ALA C 105 -15.65 11.66 -35.61
CA ALA C 105 -14.70 12.59 -36.24
C ALA C 105 -15.12 12.89 -37.67
N ARG C 106 -15.41 11.84 -38.45
CA ARG C 106 -15.83 12.00 -39.86
C ARG C 106 -17.05 12.91 -39.96
N TRP C 107 -18.06 12.69 -39.12
CA TRP C 107 -19.29 13.51 -39.13
C TRP C 107 -18.96 14.98 -38.85
N ILE C 108 -18.18 15.28 -37.82
CA ILE C 108 -17.75 16.67 -37.53
C ILE C 108 -16.99 17.20 -38.75
N ALA C 109 -16.19 16.36 -39.38
CA ALA C 109 -15.39 16.77 -40.54
C ALA C 109 -16.28 17.12 -41.73
N GLU C 110 -17.38 16.39 -41.93
CA GLU C 110 -18.35 16.72 -43.00
C GLU C 110 -18.96 18.08 -42.74
N HIS C 111 -18.95 18.54 -41.49
CA HIS C 111 -19.64 19.81 -41.17
C HIS C 111 -18.63 20.92 -40.91
N GLY C 112 -17.40 20.76 -41.38
CA GLY C 112 -16.40 21.86 -41.31
C GLY C 112 -15.70 22.00 -39.99
N GLY C 113 -15.84 21.02 -39.11
CA GLY C 113 -15.12 21.05 -37.83
C GLY C 113 -14.15 19.91 -37.70
N THR C 114 -13.36 19.94 -36.64
CA THR C 114 -12.43 18.81 -36.38
C THR C 114 -12.74 18.23 -35.00
N LEU C 115 -12.80 16.91 -34.91
CA LEU C 115 -13.02 16.25 -33.60
C LEU C 115 -11.70 15.78 -33.01
N ILE C 116 -11.47 16.10 -31.75
CA ILE C 116 -10.29 15.57 -31.03
C ILE C 116 -10.85 14.62 -29.97
N ALA C 117 -10.43 13.36 -30.01
CA ALA C 117 -10.90 12.35 -29.05
C ALA C 117 -10.19 12.49 -27.72
N GLY C 118 -10.84 12.06 -26.67
CA GLY C 118 -10.27 12.18 -25.33
C GLY C 118 -10.78 11.10 -24.40
N GLY C 119 -9.88 10.56 -23.57
CA GLY C 119 -10.27 9.56 -22.58
C GLY C 119 -9.71 9.96 -21.23
N VAL C 120 -10.56 10.54 -20.40
CA VAL C 120 -10.14 10.97 -19.05
C VAL C 120 -9.88 9.73 -18.18
N THR C 121 -8.68 9.61 -17.64
CA THR C 121 -8.30 8.42 -16.82
C THR C 121 -8.50 8.74 -15.34
N CYS C 122 -9.35 9.71 -15.02
CA CYS C 122 -9.57 10.13 -13.62
C CYS C 122 -11.06 10.14 -13.29
N PRO C 123 -11.44 10.07 -11.99
CA PRO C 123 -12.83 10.20 -11.61
C PRO C 123 -13.23 11.69 -11.68
N PRO C 124 -14.49 12.05 -11.41
CA PRO C 124 -14.87 13.46 -11.40
C PRO C 124 -14.09 14.27 -10.35
N SER C 125 -13.75 13.65 -9.22
CA SER C 125 -12.99 14.31 -8.14
C SER C 125 -11.59 14.70 -8.63
N GLY C 126 -11.11 14.04 -9.67
CA GLY C 126 -9.76 14.29 -10.16
C GLY C 126 -9.68 15.41 -11.17
N ILE C 127 -10.81 15.86 -11.69
CA ILE C 127 -10.78 17.03 -12.62
C ILE C 127 -10.23 18.24 -11.86
N GLY C 128 -9.16 18.82 -12.39
CA GLY C 128 -8.53 19.98 -11.74
C GLY C 128 -7.29 19.58 -10.97
N SER C 129 -7.05 18.28 -10.86
CA SER C 129 -5.88 17.78 -10.12
C SER C 129 -4.77 17.48 -11.13
N PRO C 130 -3.54 17.94 -10.85
CA PRO C 130 -2.41 17.75 -11.77
C PRO C 130 -2.00 16.28 -11.96
N GLU C 131 -2.26 15.42 -10.97
CA GLU C 131 -1.94 13.98 -11.06
C GLU C 131 -2.90 13.29 -12.03
N SER C 132 -4.00 13.95 -12.37
CA SER C 132 -5.00 13.36 -13.29
C SER C 132 -4.54 13.59 -14.72
N SER C 133 -4.72 12.60 -15.58
CA SER C 133 -4.34 12.71 -17.00
C SER C 133 -5.48 12.28 -17.93
N ALA C 134 -5.39 12.63 -19.20
CA ALA C 134 -6.37 12.17 -20.21
C ALA C 134 -5.63 11.87 -21.50
N PHE C 135 -6.04 10.82 -22.17
CA PHE C 135 -5.46 10.53 -23.48
C PHE C 135 -6.20 11.39 -24.49
N TYR C 136 -5.46 11.95 -25.45
CA TYR C 136 -6.10 12.72 -26.52
C TYR C 136 -5.51 12.26 -27.86
N SER C 137 -6.32 12.24 -28.91
CA SER C 137 -5.81 11.87 -30.25
C SER C 137 -6.64 12.55 -31.33
N GLY C 138 -6.14 12.56 -32.56
CA GLY C 138 -6.84 13.27 -33.65
C GLY C 138 -6.01 14.43 -34.17
N PRO C 139 -6.41 15.17 -35.26
CA PRO C 139 -5.55 16.24 -35.81
C PRO C 139 -4.78 17.10 -34.81
N SER C 140 -3.46 17.14 -34.94
CA SER C 140 -2.61 17.84 -33.95
C SER C 140 -2.94 19.31 -33.83
N ALA C 141 -3.00 20.05 -34.94
CA ALA C 141 -3.18 21.52 -34.88
C ALA C 141 -4.39 21.89 -34.03
N ALA C 142 -5.53 21.26 -34.30
CA ALA C 142 -6.76 21.54 -33.55
C ALA C 142 -6.58 21.20 -32.07
N PHE C 143 -6.02 20.03 -31.76
CA PHE C 143 -5.74 19.67 -30.36
C PHE C 143 -4.76 20.65 -29.71
N GLU C 144 -3.65 20.92 -30.36
CA GLU C 144 -2.60 21.83 -29.82
C GLU C 144 -3.14 23.23 -29.54
N ARG C 145 -4.02 23.77 -30.38
CA ARG C 145 -4.47 25.17 -30.10
C ARG C 145 -5.49 25.18 -28.94
N HIS C 146 -5.87 24.02 -28.42
CA HIS C 146 -6.76 23.99 -27.23
C HIS C 146 -6.11 23.20 -26.08
N ARG C 147 -4.89 22.72 -26.27
CA ARG C 147 -4.21 21.87 -25.27
C ARG C 147 -4.15 22.56 -23.92
N GLU C 148 -4.02 23.88 -23.90
CA GLU C 148 -3.82 24.59 -22.62
C GLU C 148 -5.15 24.72 -21.85
N THR C 149 -6.27 24.91 -22.56
CA THR C 149 -7.57 24.94 -21.84
C THR C 149 -7.88 23.52 -21.35
N LEU C 150 -7.40 22.52 -22.07
CA LEU C 150 -7.59 21.11 -21.65
C LEU C 150 -6.65 20.78 -20.49
N ARG C 151 -5.50 21.44 -20.40
CA ARG C 151 -4.55 21.22 -19.27
C ARG C 151 -5.21 21.67 -17.97
N THR C 152 -6.32 22.40 -18.06
CA THR C 152 -7.06 22.84 -16.87
C THR C 152 -7.84 21.66 -16.31
N LEU C 153 -8.29 20.78 -17.19
CA LEU C 153 -9.11 19.63 -16.74
C LEU C 153 -8.18 18.53 -16.23
N THR C 154 -7.23 18.14 -17.07
CA THR C 154 -6.28 17.05 -16.73
C THR C 154 -4.98 17.27 -17.49
N ARG C 155 -4.01 16.40 -17.29
CA ARG C 155 -2.78 16.47 -18.09
C ARG C 155 -3.10 15.89 -19.47
N THR C 156 -2.39 16.35 -20.50
CA THR C 156 -2.70 15.92 -21.87
C THR C 156 -1.68 14.89 -22.37
N ASP C 157 -2.14 13.70 -22.72
CA ASP C 157 -1.25 12.65 -23.29
C ASP C 157 -1.68 12.39 -24.74
N TYR C 158 -0.97 12.97 -25.70
CA TYR C 158 -1.28 12.79 -27.13
C TYR C 158 -0.86 11.39 -27.57
N ARG C 159 -1.77 10.63 -28.15
CA ARG C 159 -1.46 9.22 -28.50
C ARG C 159 -1.33 9.04 -30.02
N GLY C 160 -1.60 10.06 -30.80
CA GLY C 160 -1.56 9.90 -32.27
C GLY C 160 -2.53 10.77 -33.04
N GLU C 161 -2.53 10.65 -34.35
CA GLU C 161 -3.40 11.50 -35.21
C GLU C 161 -4.74 10.81 -35.45
N ASP C 162 -4.79 9.51 -35.18
CA ASP C 162 -6.04 8.74 -35.32
C ASP C 162 -6.88 9.03 -34.08
N PRO C 163 -8.12 9.58 -34.18
CA PRO C 163 -8.95 9.78 -32.99
C PRO C 163 -9.19 8.46 -32.23
N GLY C 164 -9.13 7.34 -32.92
CA GLY C 164 -9.38 6.04 -32.28
C GLY C 164 -8.35 5.66 -31.24
N LEU C 165 -7.15 6.22 -31.32
CA LEU C 165 -6.06 5.80 -30.40
C LEU C 165 -6.41 6.17 -28.94
N ALA C 166 -6.98 7.36 -28.72
CA ALA C 166 -7.29 7.80 -27.36
C ALA C 166 -8.33 6.86 -26.74
N ALA C 167 -9.30 6.44 -27.55
CA ALA C 167 -10.34 5.51 -27.09
C ALA C 167 -9.73 4.13 -26.85
N LEU C 168 -8.86 3.67 -27.75
CA LEU C 168 -8.17 2.37 -27.58
C LEU C 168 -7.42 2.36 -26.25
N TRP C 169 -6.67 3.41 -25.95
CA TRP C 169 -5.85 3.48 -24.72
C TRP C 169 -6.76 3.53 -23.49
N TYR C 170 -7.90 4.21 -23.58
CA TYR C 170 -8.87 4.25 -22.47
C TYR C 170 -9.43 2.85 -22.23
N GLN C 171 -9.75 2.14 -23.31
CA GLN C 171 -10.34 0.79 -23.20
C GLN C 171 -9.28 -0.19 -22.70
N ILE C 172 -8.01 0.05 -22.97
CA ILE C 172 -6.91 -0.82 -22.48
C ILE C 172 -6.88 -0.76 -20.95
N GLY C 173 -7.01 0.44 -20.37
CA GLY C 173 -6.95 0.59 -18.92
C GLY C 173 -8.24 0.24 -18.23
N MET C 174 -9.37 0.48 -18.89
CA MET C 174 -10.70 0.25 -18.29
C MET C 174 -11.01 -1.25 -18.18
N VAL C 175 -10.51 -2.07 -19.11
CA VAL C 175 -10.74 -3.54 -19.08
C VAL C 175 -10.14 -4.09 -17.78
N MET C 176 -9.00 -3.53 -17.36
CA MET C 176 -8.38 -3.93 -16.08
C MET C 176 -9.15 -3.29 -14.92
N TRP C 177 -9.50 -2.02 -15.03
CA TRP C 177 -10.21 -1.28 -13.95
C TRP C 177 -11.52 -1.98 -13.61
N TRP C 178 -12.37 -2.21 -14.59
CA TRP C 178 -13.71 -2.80 -14.38
C TRP C 178 -13.62 -4.23 -13.86
N ASN C 179 -12.70 -5.03 -14.37
CA ASN C 179 -12.53 -6.42 -13.91
C ASN C 179 -12.14 -6.41 -12.43
N ALA C 180 -11.21 -5.54 -12.06
CA ALA C 180 -10.73 -5.45 -10.66
C ALA C 180 -11.85 -4.95 -9.76
N MET C 181 -12.66 -4.01 -10.25
CA MET C 181 -13.74 -3.45 -9.43
C MET C 181 -14.92 -4.42 -9.34
N LEU C 182 -15.13 -5.24 -10.35
CA LEU C 182 -16.17 -6.29 -10.25
C LEU C 182 -15.67 -7.35 -9.27
N GLY C 183 -14.35 -7.57 -9.21
CA GLY C 183 -13.76 -8.49 -8.23
C GLY C 183 -13.90 -7.95 -6.85
N TYR C 184 -13.83 -6.63 -6.69
CA TYR C 184 -14.05 -5.99 -5.37
C TYR C 184 -15.48 -6.26 -4.95
N LEU C 185 -16.42 -6.00 -5.85
CA LEU C 185 -17.86 -6.22 -5.56
C LEU C 185 -18.07 -7.70 -5.23
N GLN C 186 -17.37 -8.61 -5.92
CA GLN C 186 -17.44 -10.06 -5.63
C GLN C 186 -16.86 -10.35 -4.25
N ALA C 187 -15.75 -9.71 -3.90
CA ALA C 187 -15.09 -9.92 -2.60
C ALA C 187 -15.99 -9.37 -1.49
N VAL C 188 -16.60 -8.22 -1.72
CA VAL C 188 -17.49 -7.57 -0.72
C VAL C 188 -18.69 -8.49 -0.50
N ALA C 189 -19.19 -9.12 -1.55
CA ALA C 189 -20.36 -10.00 -1.44
C ALA C 189 -19.99 -11.28 -0.68
N LEU C 190 -18.85 -11.89 -1.00
CA LEU C 190 -18.37 -13.09 -0.25
C LEU C 190 -18.15 -12.70 1.22
N ALA C 191 -17.62 -11.52 1.45
CA ALA C 191 -17.36 -11.05 2.82
C ALA C 191 -18.67 -10.83 3.59
N ASP C 192 -19.66 -10.19 2.96
CA ASP C 192 -20.97 -9.98 3.61
C ASP C 192 -21.60 -11.33 3.98
N ALA C 193 -21.44 -12.33 3.11
CA ALA C 193 -21.98 -13.67 3.39
C ALA C 193 -21.19 -14.35 4.52
N ASN C 194 -20.10 -13.75 4.96
CA ASN C 194 -19.25 -14.39 5.99
C ASN C 194 -19.06 -13.43 7.18
N GLY C 195 -20.02 -12.52 7.41
CA GLY C 195 -20.01 -11.64 8.58
C GLY C 195 -19.11 -10.43 8.46
N LEU C 196 -18.51 -10.20 7.29
CA LEU C 196 -17.51 -9.12 7.19
C LEU C 196 -18.07 -7.96 6.36
N LYS C 197 -17.47 -6.78 6.50
CA LYS C 197 -17.89 -5.62 5.70
C LYS C 197 -16.78 -5.25 4.72
N ALA C 198 -17.09 -4.35 3.80
CA ALA C 198 -16.09 -3.84 2.85
C ALA C 198 -14.99 -3.12 3.64
N ALA C 199 -15.34 -2.57 4.79
CA ALA C 199 -14.36 -1.88 5.66
C ALA C 199 -13.40 -2.91 6.26
N ASP C 200 -13.91 -4.11 6.53
CA ASP C 200 -13.08 -5.19 7.12
C ASP C 200 -12.11 -5.72 6.08
N ILE C 201 -12.51 -5.78 4.80
CA ILE C 201 -11.66 -6.39 3.74
C ILE C 201 -10.90 -5.32 2.93
N LEU C 202 -11.17 -4.04 3.19
CA LEU C 202 -10.51 -2.93 2.45
C LEU C 202 -8.99 -2.94 2.65
N PRO C 203 -8.39 -3.07 3.86
CA PRO C 203 -6.93 -3.15 3.97
C PRO C 203 -6.34 -4.23 3.04
N HIS C 204 -6.93 -5.44 3.02
CA HIS C 204 -6.37 -6.56 2.20
C HIS C 204 -6.57 -6.26 0.71
N ALA C 205 -7.77 -5.83 0.36
CA ALA C 205 -8.08 -5.50 -1.04
C ALA C 205 -7.06 -4.49 -1.58
N SER C 206 -6.80 -3.44 -0.83
CA SER C 206 -5.86 -2.39 -1.27
C SER C 206 -4.46 -2.97 -1.40
N ASP C 207 -4.04 -3.76 -0.42
CA ASP C 207 -2.71 -4.40 -0.45
C ASP C 207 -2.64 -5.31 -1.67
N THR C 208 -3.75 -5.93 -2.03
CA THR C 208 -3.80 -6.89 -3.16
C THR C 208 -3.62 -6.12 -4.47
N VAL C 209 -4.36 -5.05 -4.66
CA VAL C 209 -4.33 -4.33 -5.96
C VAL C 209 -3.05 -3.50 -6.11
N ALA C 210 -2.39 -3.20 -4.99
CA ALA C 210 -1.16 -2.37 -5.04
C ALA C 210 0.04 -3.27 -5.28
N GLY C 211 -0.10 -4.57 -5.10
CA GLY C 211 0.98 -5.51 -5.43
C GLY C 211 0.90 -5.91 -6.89
N LEU C 212 -0.15 -5.50 -7.57
CA LEU C 212 -0.37 -5.87 -8.99
C LEU C 212 0.75 -5.36 -9.92
N PRO C 213 1.24 -4.10 -9.86
CA PRO C 213 2.27 -3.63 -10.80
C PRO C 213 3.47 -4.61 -10.92
N PHE C 214 3.86 -5.27 -9.85
CA PHE C 214 4.94 -6.29 -9.90
C PHE C 214 4.64 -7.32 -10.99
N PHE C 215 3.48 -7.95 -10.94
CA PHE C 215 3.09 -8.99 -11.91
C PHE C 215 2.88 -8.40 -13.30
N LEU C 216 2.39 -7.17 -13.36
CA LEU C 216 2.24 -6.52 -14.67
C LEU C 216 3.63 -6.47 -15.35
N ARG C 217 4.67 -6.09 -14.61
CA ARG C 217 6.04 -6.03 -15.17
C ARG C 217 6.57 -7.44 -15.36
N PHE C 218 6.44 -8.28 -14.35
CA PHE C 218 6.91 -9.67 -14.42
C PHE C 218 6.39 -10.33 -15.70
N TYR C 219 5.11 -10.13 -16.04
CA TYR C 219 4.52 -10.86 -17.19
C TYR C 219 4.58 -10.06 -18.49
N ALA C 220 4.98 -8.79 -18.47
CA ALA C 220 5.08 -7.96 -19.69
C ALA C 220 6.10 -8.57 -20.66
N ASP C 221 7.37 -8.55 -20.29
CA ASP C 221 8.45 -9.03 -21.19
C ASP C 221 8.24 -10.50 -21.52
N ARG C 222 7.84 -11.28 -20.53
CA ARG C 222 7.63 -12.73 -20.74
C ARG C 222 6.57 -12.94 -21.82
N ILE C 223 5.50 -12.15 -21.83
CA ILE C 223 4.43 -12.29 -22.85
C ILE C 223 4.95 -11.78 -24.20
N ASP C 224 5.72 -10.70 -24.18
CA ASP C 224 6.21 -10.09 -25.44
C ASP C 224 7.34 -10.95 -26.04
N THR C 225 7.61 -12.12 -25.46
CA THR C 225 8.70 -13.00 -25.95
C THR C 225 8.20 -14.44 -26.05
N GLY C 226 6.97 -14.72 -25.61
CA GLY C 226 6.43 -16.08 -25.61
C GLY C 226 6.95 -16.91 -24.45
N HIS C 227 7.52 -16.25 -23.44
CA HIS C 227 7.97 -16.97 -22.23
C HIS C 227 6.76 -17.23 -21.34
N HIS C 228 6.18 -18.41 -21.45
CA HIS C 228 5.05 -18.77 -20.59
C HIS C 228 5.47 -19.98 -19.76
N GLY C 229 6.67 -19.91 -19.18
CA GLY C 229 7.16 -21.01 -18.32
C GLY C 229 6.46 -21.10 -16.97
N GLY C 230 6.35 -22.30 -16.41
CA GLY C 230 5.72 -22.52 -15.09
C GLY C 230 6.71 -22.35 -13.96
N ASP C 231 7.68 -21.46 -14.12
CA ASP C 231 8.73 -21.21 -13.11
C ASP C 231 8.18 -20.53 -11.86
N ALA C 232 7.18 -19.67 -11.98
CA ALA C 232 6.64 -18.91 -10.84
C ALA C 232 5.19 -19.32 -10.59
N ASP C 233 4.60 -20.03 -11.55
CA ASP C 233 3.18 -20.43 -11.45
C ASP C 233 2.82 -21.41 -12.55
N ARG C 234 1.94 -22.34 -12.24
CA ARG C 234 1.45 -23.25 -13.29
C ARG C 234 -0.05 -23.00 -13.42
N LEU C 235 -0.55 -23.00 -14.65
CA LEU C 235 -1.99 -22.79 -14.90
C LEU C 235 -2.79 -23.80 -14.09
N ALA C 236 -2.29 -25.02 -13.94
CA ALA C 236 -3.00 -26.07 -13.18
C ALA C 236 -3.24 -25.64 -11.74
N MET C 237 -2.26 -24.99 -11.11
CA MET C 237 -2.42 -24.49 -9.73
C MET C 237 -3.45 -23.34 -9.72
N GLY C 238 -3.35 -22.42 -10.67
CA GLY C 238 -4.30 -21.30 -10.77
C GLY C 238 -5.69 -21.72 -11.19
N THR C 239 -5.80 -22.83 -11.91
CA THR C 239 -7.11 -23.39 -12.32
C THR C 239 -7.76 -23.88 -11.04
N ALA C 240 -7.00 -24.53 -10.18
CA ALA C 240 -7.53 -24.93 -8.88
C ALA C 240 -7.91 -23.69 -8.06
N SER C 241 -7.06 -22.67 -8.04
CA SER C 241 -7.32 -21.39 -7.32
C SER C 241 -8.66 -20.78 -7.71
N VAL C 242 -8.93 -20.65 -9.00
CA VAL C 242 -10.19 -20.01 -9.46
C VAL C 242 -11.38 -20.93 -9.17
N GLU C 243 -11.19 -22.24 -9.21
CA GLU C 243 -12.26 -23.19 -8.83
C GLU C 243 -12.55 -22.99 -7.35
N HIS C 244 -11.52 -22.73 -6.53
CA HIS C 244 -11.71 -22.49 -5.09
C HIS C 244 -12.55 -21.23 -4.89
N ILE C 245 -12.32 -20.18 -5.69
CA ILE C 245 -13.11 -18.93 -5.61
C ILE C 245 -14.55 -19.25 -5.98
N LEU C 246 -14.76 -20.03 -7.05
CA LEU C 246 -16.13 -20.41 -7.50
C LEU C 246 -16.83 -21.22 -6.41
N HIS C 247 -16.16 -22.23 -5.86
CA HIS C 247 -16.82 -23.11 -4.87
C HIS C 247 -16.99 -22.38 -3.53
N THR C 248 -16.01 -21.57 -3.11
CA THR C 248 -16.14 -20.75 -1.88
C THR C 248 -17.35 -19.82 -2.06
N MET C 249 -17.46 -19.19 -3.22
CA MET C 249 -18.59 -18.29 -3.51
C MET C 249 -19.91 -19.06 -3.48
N ALA C 250 -19.93 -20.27 -4.04
CA ALA C 250 -21.17 -21.06 -4.14
C ALA C 250 -21.58 -21.54 -2.76
N ASP C 251 -20.61 -22.01 -1.98
CA ASP C 251 -20.89 -22.49 -0.60
C ASP C 251 -21.44 -21.33 0.24
N SER C 252 -21.07 -20.10 -0.11
CA SER C 252 -21.50 -18.94 0.70
C SER C 252 -22.74 -18.26 0.11
N GLY C 253 -23.35 -18.83 -0.93
CA GLY C 253 -24.60 -18.29 -1.52
C GLY C 253 -24.41 -17.02 -2.31
N VAL C 254 -23.25 -16.85 -2.92
CA VAL C 254 -22.93 -15.62 -3.69
C VAL C 254 -23.00 -15.95 -5.17
N ASP C 255 -23.53 -15.04 -5.98
CA ASP C 255 -23.63 -15.23 -7.45
C ASP C 255 -22.33 -15.84 -8.01
N THR C 256 -22.47 -16.89 -8.81
CA THR C 256 -21.30 -17.62 -9.35
C THR C 256 -21.07 -17.33 -10.82
N ALA C 257 -21.80 -16.40 -11.42
CA ALA C 257 -21.71 -16.18 -12.88
C ALA C 257 -20.30 -15.75 -13.28
N LEU C 258 -19.80 -14.70 -12.64
CA LEU C 258 -18.45 -14.19 -12.94
C LEU C 258 -17.36 -15.21 -12.56
N PRO C 259 -17.31 -15.86 -11.37
CA PRO C 259 -16.29 -16.89 -11.11
C PRO C 259 -16.37 -18.13 -12.03
N GLU C 260 -17.56 -18.50 -12.50
CA GLU C 260 -17.71 -19.65 -13.44
C GLU C 260 -17.14 -19.27 -14.82
N ALA C 261 -17.27 -18.00 -15.20
CA ALA C 261 -16.71 -17.53 -16.48
C ALA C 261 -15.18 -17.50 -16.39
N VAL C 262 -14.63 -17.25 -15.20
CA VAL C 262 -13.16 -17.21 -15.00
C VAL C 262 -12.63 -18.65 -15.06
N VAL C 263 -13.34 -19.58 -14.43
CA VAL C 263 -12.95 -21.02 -14.47
C VAL C 263 -12.98 -21.50 -15.92
N ALA C 264 -13.95 -21.04 -16.70
CA ALA C 264 -14.09 -21.46 -18.10
C ALA C 264 -12.86 -21.05 -18.91
N PHE C 265 -12.35 -19.85 -18.68
CA PHE C 265 -11.13 -19.38 -19.37
C PHE C 265 -9.95 -20.29 -19.04
N PHE C 266 -9.86 -20.71 -17.78
CA PHE C 266 -8.77 -21.62 -17.33
C PHE C 266 -9.01 -23.02 -17.87
N ARG C 267 -10.27 -23.41 -18.05
CA ARG C 267 -10.58 -24.73 -18.66
C ARG C 267 -10.13 -24.75 -20.11
N ARG C 268 -10.20 -23.61 -20.78
CA ARG C 268 -9.76 -23.50 -22.19
C ARG C 268 -8.24 -23.63 -22.24
N GLY C 269 -7.55 -23.08 -21.25
CA GLY C 269 -6.08 -23.20 -21.17
C GLY C 269 -5.64 -24.61 -20.92
N GLU C 270 -6.34 -25.31 -20.04
CA GLU C 270 -6.04 -26.75 -19.77
C GLU C 270 -6.22 -27.54 -21.07
N ALA C 271 -7.27 -27.23 -21.82
CA ALA C 271 -7.58 -27.94 -23.08
C ALA C 271 -6.53 -27.63 -24.15
N ALA C 272 -5.83 -26.50 -24.02
CA ALA C 272 -4.77 -26.14 -24.99
C ALA C 272 -3.42 -26.71 -24.55
N GLY C 273 -3.38 -27.49 -23.47
CA GLY C 273 -2.14 -28.12 -23.00
C GLY C 273 -1.25 -27.14 -22.26
N TYR C 274 -1.84 -26.19 -21.55
CA TYR C 274 -1.04 -25.13 -20.90
C TYR C 274 -0.90 -25.33 -19.40
N ALA C 275 -1.36 -26.45 -18.85
CA ALA C 275 -1.35 -26.65 -17.39
C ALA C 275 0.06 -26.49 -16.79
N GLU C 276 1.07 -26.99 -17.48
CA GLU C 276 2.46 -26.95 -16.96
C GLU C 276 3.08 -25.60 -17.33
N ASN C 277 2.33 -24.76 -18.01
CA ASN C 277 2.82 -23.40 -18.36
C ASN C 277 2.29 -22.37 -17.38
N SER C 278 2.78 -21.14 -17.50
CA SER C 278 2.23 -20.03 -16.69
C SER C 278 0.81 -19.73 -17.16
N PHE C 279 -0.04 -19.23 -16.27
CA PHE C 279 -1.39 -18.76 -16.67
C PHE C 279 -1.27 -17.74 -17.79
N SER C 280 -0.12 -17.05 -17.88
CA SER C 280 0.14 -16.06 -18.95
C SER C 280 -0.11 -16.66 -20.33
N SER C 281 0.09 -17.97 -20.50
CA SER C 281 -0.08 -18.66 -21.80
C SER C 281 -1.45 -18.40 -22.40
N MET C 282 -2.44 -18.18 -21.53
CA MET C 282 -3.83 -17.97 -21.98
C MET C 282 -3.97 -16.64 -22.73
N VAL C 283 -2.92 -15.84 -22.85
CA VAL C 283 -3.01 -14.60 -23.69
C VAL C 283 -3.08 -15.04 -25.14
N GLU C 284 -2.53 -16.20 -25.46
CA GLU C 284 -2.51 -16.72 -26.84
C GLU C 284 -3.92 -17.15 -27.24
N LEU C 285 -4.78 -17.43 -26.26
CA LEU C 285 -6.19 -17.75 -26.54
C LEU C 285 -6.99 -16.45 -26.75
N LEU C 286 -6.50 -15.33 -26.23
CA LEU C 286 -7.22 -14.04 -26.35
C LEU C 286 -6.74 -13.24 -27.58
N LYS C 287 -5.55 -13.51 -28.10
CA LYS C 287 -4.96 -12.67 -29.18
C LYS C 287 -5.59 -12.86 -30.55
N LYS C 288 -4.85 -12.49 -31.60
CA LYS C 288 -5.30 -12.64 -33.02
C LYS C 288 -6.62 -11.88 -33.21
N PRO D 4 16.77 -20.74 14.95
CA PRO D 4 15.63 -21.14 14.13
C PRO D 4 15.29 -22.63 14.30
N ALA D 5 14.06 -22.90 14.73
CA ALA D 5 13.63 -24.29 15.00
C ALA D 5 13.58 -25.14 13.73
N PRO D 6 13.93 -26.46 13.77
CA PRO D 6 13.89 -27.29 12.58
C PRO D 6 12.45 -27.62 12.15
N LEU D 7 12.28 -28.01 10.88
CA LEU D 7 10.92 -28.29 10.35
C LEU D 7 10.98 -29.17 9.11
N THR D 8 9.84 -29.77 8.78
CA THR D 8 9.73 -30.57 7.54
C THR D 8 8.89 -29.76 6.55
N LEU D 9 9.33 -29.66 5.29
CA LEU D 9 8.52 -28.99 4.26
C LEU D 9 8.23 -29.97 3.12
N ILE D 10 6.95 -30.22 2.87
CA ILE D 10 6.52 -31.10 1.74
C ILE D 10 5.82 -30.22 0.72
N GLY D 11 6.21 -30.31 -0.53
CA GLY D 11 5.63 -29.46 -1.58
C GLY D 11 6.69 -28.56 -2.14
N LEU D 12 7.40 -29.03 -3.15
CA LEU D 12 8.55 -28.25 -3.64
C LEU D 12 8.26 -27.73 -5.05
N GLY D 13 7.11 -27.08 -5.22
CA GLY D 13 6.83 -26.41 -6.48
C GLY D 13 7.32 -24.98 -6.39
N PRO D 14 6.88 -24.02 -7.26
CA PRO D 14 7.43 -22.67 -7.22
C PRO D 14 7.56 -22.06 -5.82
N MET D 15 6.55 -22.23 -4.98
CA MET D 15 6.53 -21.56 -3.66
C MET D 15 7.31 -22.35 -2.61
N GLY D 16 7.09 -23.66 -2.50
CA GLY D 16 7.83 -24.48 -1.53
C GLY D 16 9.32 -24.39 -1.75
N GLN D 17 9.75 -24.26 -2.99
CA GLN D 17 11.19 -24.09 -3.31
C GLN D 17 11.66 -22.80 -2.65
N ALA D 18 10.93 -21.72 -2.88
CA ALA D 18 11.27 -20.40 -2.30
C ALA D 18 11.23 -20.47 -0.79
N MET D 19 10.20 -21.12 -0.24
CA MET D 19 10.06 -21.25 1.23
C MET D 19 11.28 -21.97 1.79
N GLY D 20 11.72 -23.03 1.12
CA GLY D 20 12.85 -23.82 1.61
C GLY D 20 14.13 -23.03 1.57
N ASN D 21 14.28 -22.21 0.53
CA ASN D 21 15.48 -21.35 0.42
C ASN D 21 15.45 -20.35 1.58
N ALA D 22 14.28 -19.83 1.93
CA ALA D 22 14.16 -18.80 2.98
C ALA D 22 14.35 -19.40 4.37
N LEU D 23 13.91 -20.63 4.58
CA LEU D 23 14.03 -21.27 5.91
C LEU D 23 15.51 -21.55 6.15
N LEU D 24 16.22 -22.03 5.14
CA LEU D 24 17.68 -22.25 5.28
C LEU D 24 18.38 -20.89 5.46
N ASP D 25 17.84 -19.82 4.90
CA ASP D 25 18.51 -18.50 4.93
C ASP D 25 18.44 -17.92 6.33
N ARG D 26 17.40 -18.28 7.10
CA ARG D 26 17.29 -17.82 8.50
C ARG D 26 18.07 -18.79 9.38
N GLY D 27 18.20 -20.05 8.97
CA GLY D 27 19.02 -21.02 9.71
C GLY D 27 18.27 -22.26 10.13
N HIS D 28 17.02 -22.40 9.69
CA HIS D 28 16.16 -23.56 10.07
C HIS D 28 16.71 -24.85 9.45
N GLY D 29 16.84 -25.91 10.26
CA GLY D 29 17.21 -27.24 9.73
C GLY D 29 16.01 -27.80 8.97
N LEU D 30 16.17 -28.12 7.70
CA LEU D 30 14.99 -28.47 6.88
C LEU D 30 14.96 -29.92 6.41
N THR D 31 13.83 -30.59 6.65
CA THR D 31 13.65 -31.94 6.08
C THR D 31 12.70 -31.74 4.89
N VAL D 32 13.09 -32.15 3.68
CA VAL D 32 12.26 -31.85 2.47
C VAL D 32 11.81 -33.13 1.75
N TRP D 33 10.53 -33.18 1.38
CA TRP D 33 10.05 -34.32 0.56
C TRP D 33 9.18 -33.80 -0.60
N ASN D 34 9.24 -34.48 -1.73
CA ASN D 34 8.40 -34.12 -2.89
C ASN D 34 8.07 -35.39 -3.69
N ARG D 35 6.92 -35.40 -4.36
CA ARG D 35 6.51 -36.54 -5.21
C ARG D 35 7.50 -36.61 -6.35
N THR D 36 7.78 -35.48 -6.98
CA THR D 36 8.86 -35.44 -7.99
C THR D 36 10.15 -35.17 -7.22
N ALA D 37 10.76 -36.21 -6.66
CA ALA D 37 11.99 -36.07 -5.84
C ALA D 37 13.06 -35.24 -6.55
N SER D 38 13.05 -35.23 -7.89
CA SER D 38 13.99 -34.40 -8.69
C SER D 38 13.94 -32.93 -8.26
N ARG D 39 12.81 -32.46 -7.72
CA ARG D 39 12.64 -31.03 -7.38
C ARG D 39 13.27 -30.71 -6.03
N ALA D 40 13.91 -31.68 -5.41
CA ALA D 40 14.53 -31.49 -4.07
C ALA D 40 16.05 -31.41 -4.19
N ASP D 41 16.60 -31.66 -5.38
CA ASP D 41 18.06 -31.71 -5.56
C ASP D 41 18.73 -30.42 -5.06
N ALA D 42 18.30 -29.27 -5.56
CA ALA D 42 18.99 -28.00 -5.22
C ALA D 42 19.00 -27.76 -3.71
N LEU D 43 17.84 -27.82 -3.07
CA LEU D 43 17.74 -27.57 -1.62
C LEU D 43 18.59 -28.59 -0.85
N VAL D 44 18.63 -29.84 -1.30
CA VAL D 44 19.45 -30.90 -0.63
C VAL D 44 20.91 -30.46 -0.63
N GLU D 45 21.42 -29.98 -1.75
CA GLU D 45 22.83 -29.51 -1.85
C GLU D 45 23.04 -28.28 -0.97
N ARG D 46 21.99 -27.49 -0.75
CA ARG D 46 22.09 -26.28 0.12
C ARG D 46 22.14 -26.69 1.60
N GLY D 47 21.84 -27.95 1.90
CA GLY D 47 21.92 -28.45 3.28
C GLY D 47 20.67 -29.17 3.72
N ALA D 48 19.70 -29.31 2.83
CA ALA D 48 18.42 -29.92 3.24
C ALA D 48 18.51 -31.45 3.25
N VAL D 49 18.04 -32.06 4.33
CA VAL D 49 18.02 -33.54 4.43
C VAL D 49 16.87 -34.04 3.56
N ARG D 50 17.17 -34.91 2.60
CA ARG D 50 16.11 -35.47 1.75
C ARG D 50 15.46 -36.64 2.46
N ALA D 51 14.28 -36.42 3.05
CA ALA D 51 13.54 -37.54 3.63
C ALA D 51 13.38 -38.60 2.53
N PRO D 52 13.66 -39.88 2.79
CA PRO D 52 13.46 -40.94 1.79
C PRO D 52 11.98 -41.12 1.43
N ASP D 53 11.09 -41.03 2.41
CA ASP D 53 9.64 -41.21 2.19
C ASP D 53 8.91 -40.10 2.95
N VAL D 54 7.62 -39.90 2.66
CA VAL D 54 6.82 -38.88 3.39
C VAL D 54 6.71 -39.26 4.86
N ALA D 55 6.72 -40.56 5.16
CA ALA D 55 6.63 -41.05 6.55
C ALA D 55 7.75 -40.48 7.41
N ALA D 56 8.98 -40.56 6.90
CA ALA D 56 10.15 -40.07 7.64
C ALA D 56 10.07 -38.55 7.76
N ALA D 57 9.77 -37.88 6.65
CA ALA D 57 9.59 -36.42 6.65
C ALA D 57 8.70 -36.00 7.83
N VAL D 58 7.52 -36.61 7.96
CA VAL D 58 6.57 -36.23 9.03
C VAL D 58 7.20 -36.53 10.39
N ALA D 59 7.90 -37.67 10.52
CA ALA D 59 8.47 -38.09 11.81
C ALA D 59 9.73 -37.31 12.18
N ALA D 60 10.34 -36.62 11.22
CA ALA D 60 11.59 -35.90 11.46
C ALA D 60 11.32 -34.69 12.33
N ASN D 61 10.17 -34.04 12.15
CA ASN D 61 9.92 -32.77 12.89
C ASN D 61 8.46 -32.65 13.34
N GLU D 62 8.22 -31.85 14.37
CA GLU D 62 6.82 -31.59 14.79
C GLU D 62 6.14 -30.75 13.72
N LEU D 63 6.83 -29.72 13.24
CA LEU D 63 6.24 -28.81 12.22
C LEU D 63 6.38 -29.40 10.82
N VAL D 64 5.25 -29.64 10.19
CA VAL D 64 5.25 -30.11 8.78
C VAL D 64 4.51 -29.04 7.98
N VAL D 65 5.23 -28.33 7.13
CA VAL D 65 4.63 -27.26 6.29
C VAL D 65 4.34 -27.84 4.89
N LEU D 66 3.10 -27.70 4.45
CA LEU D 66 2.70 -28.26 3.14
C LEU D 66 2.48 -27.15 2.12
N SER D 67 3.13 -27.25 0.98
CA SER D 67 2.86 -26.28 -0.12
C SER D 67 2.41 -27.10 -1.32
N LEU D 68 1.14 -27.49 -1.32
CA LEU D 68 0.59 -28.36 -2.39
C LEU D 68 -0.48 -27.59 -3.19
N THR D 69 -0.92 -28.11 -4.32
CA THR D 69 -1.87 -27.37 -5.20
C THR D 69 -3.21 -27.19 -4.49
N ASP D 70 -3.62 -28.17 -3.70
CA ASP D 70 -4.93 -28.14 -3.00
C ASP D 70 -4.85 -29.05 -1.78
N TYR D 71 -5.96 -29.17 -1.05
CA TYR D 71 -5.99 -29.99 0.18
C TYR D 71 -6.09 -31.48 -0.19
N ASP D 72 -6.54 -31.78 -1.40
CA ASP D 72 -6.66 -33.18 -1.88
C ASP D 72 -5.27 -33.79 -2.05
N ALA D 73 -4.27 -32.95 -2.26
CA ALA D 73 -2.88 -33.42 -2.42
C ALA D 73 -2.33 -33.90 -1.08
N MET D 74 -2.78 -33.30 0.01
CA MET D 74 -2.33 -33.70 1.37
C MET D 74 -2.85 -35.10 1.66
N TYR D 75 -4.08 -35.38 1.28
CA TYR D 75 -4.63 -36.75 1.47
C TYR D 75 -3.78 -37.75 0.69
N ALA D 76 -3.36 -37.39 -0.50
CA ALA D 76 -2.55 -38.28 -1.37
C ALA D 76 -1.12 -38.45 -0.83
N LEU D 77 -0.58 -37.44 -0.16
CA LEU D 77 0.83 -37.48 0.29
C LEU D 77 0.92 -37.97 1.72
N LEU D 78 0.16 -37.36 2.63
CA LEU D 78 0.21 -37.69 4.06
C LEU D 78 -0.59 -38.96 4.35
N GLY D 79 -1.66 -39.22 3.59
CA GLY D 79 -2.52 -40.39 3.79
C GLY D 79 -1.76 -41.69 4.00
N PRO D 80 -0.77 -42.10 3.17
CA PRO D 80 0.01 -43.29 3.47
C PRO D 80 0.61 -43.35 4.89
N ALA D 81 1.03 -42.21 5.44
CA ALA D 81 1.69 -42.19 6.77
C ALA D 81 0.84 -41.45 7.79
N ALA D 82 -0.49 -41.48 7.65
CA ALA D 82 -1.39 -40.70 8.53
C ALA D 82 -1.25 -41.13 9.98
N ASP D 83 -0.68 -42.30 10.19
CA ASP D 83 -0.48 -42.84 11.55
C ASP D 83 0.56 -41.98 12.28
N ALA D 84 1.58 -41.50 11.55
CA ALA D 84 2.68 -40.73 12.16
C ALA D 84 2.34 -39.24 12.25
N LEU D 85 1.12 -38.85 11.91
CA LEU D 85 0.69 -37.44 11.97
C LEU D 85 0.33 -37.14 13.43
N ALA D 86 0.51 -38.11 14.31
CA ALA D 86 0.16 -37.93 15.73
C ALA D 86 1.20 -37.06 16.43
N GLY D 87 0.76 -35.93 16.98
CA GLY D 87 1.67 -35.02 17.69
C GLY D 87 2.29 -34.00 16.77
N LYS D 88 1.84 -33.97 15.52
CA LYS D 88 2.46 -33.08 14.53
C LYS D 88 1.60 -31.84 14.33
N VAL D 89 2.24 -30.74 13.96
CA VAL D 89 1.49 -29.50 13.61
C VAL D 89 1.66 -29.35 12.11
N VAL D 90 0.57 -29.49 11.38
CA VAL D 90 0.63 -29.42 9.90
C VAL D 90 0.23 -28.02 9.47
N VAL D 91 1.18 -27.24 8.98
CA VAL D 91 0.87 -25.89 8.45
C VAL D 91 0.62 -26.05 6.95
N ASN D 92 -0.64 -26.16 6.57
CA ASN D 92 -0.99 -26.33 5.14
C ASN D 92 -1.13 -24.94 4.53
N LEU D 93 -0.22 -24.60 3.63
CA LEU D 93 -0.24 -23.29 2.95
C LEU D 93 -0.84 -23.48 1.56
N SER D 94 -1.70 -24.47 1.40
CA SER D 94 -2.33 -24.77 0.09
C SER D 94 -3.71 -24.14 0.01
N SER D 95 -4.02 -23.57 -1.14
CA SER D 95 -5.34 -22.95 -1.36
C SER D 95 -6.44 -24.00 -1.40
N ASP D 96 -7.62 -23.65 -0.89
CA ASP D 96 -8.82 -24.49 -1.03
C ASP D 96 -10.01 -23.70 -0.50
N THR D 97 -11.18 -24.29 -0.63
CA THR D 97 -12.41 -23.67 -0.08
C THR D 97 -12.35 -23.77 1.44
N PRO D 98 -12.90 -22.78 2.20
CA PRO D 98 -12.99 -22.92 3.65
C PRO D 98 -13.56 -24.26 4.14
N GLU D 99 -14.57 -24.80 3.46
CA GLU D 99 -15.22 -26.07 3.88
C GLU D 99 -14.27 -27.25 3.73
N LYS D 100 -13.47 -27.25 2.67
CA LYS D 100 -12.52 -28.35 2.42
C LYS D 100 -11.29 -28.13 3.31
N THR D 101 -11.01 -26.88 3.67
CA THR D 101 -9.88 -26.57 4.57
C THR D 101 -10.28 -27.10 5.95
N ARG D 102 -11.56 -26.94 6.30
CA ARG D 102 -12.09 -27.43 7.59
C ARG D 102 -12.06 -28.94 7.60
N ALA D 103 -12.26 -29.57 6.44
CA ALA D 103 -12.23 -31.05 6.34
C ALA D 103 -10.82 -31.55 6.61
N GLY D 104 -9.82 -30.85 6.08
CA GLY D 104 -8.43 -31.22 6.34
C GLY D 104 -8.07 -31.05 7.79
N ALA D 105 -8.65 -30.05 8.44
CA ALA D 105 -8.43 -29.86 9.88
C ALA D 105 -8.96 -31.08 10.63
N ARG D 106 -10.19 -31.48 10.34
CA ARG D 106 -10.79 -32.68 10.95
C ARG D 106 -9.93 -33.90 10.63
N TRP D 107 -9.48 -34.04 9.39
CA TRP D 107 -8.64 -35.19 8.96
C TRP D 107 -7.34 -35.23 9.76
N ILE D 108 -6.64 -34.10 9.88
CA ILE D 108 -5.36 -34.05 10.65
C ILE D 108 -5.68 -34.35 12.12
N ALA D 109 -6.78 -33.84 12.64
CA ALA D 109 -7.15 -34.03 14.05
C ALA D 109 -7.54 -35.48 14.34
N GLU D 110 -8.19 -36.14 13.39
CA GLU D 110 -8.57 -37.56 13.57
C GLU D 110 -7.31 -38.40 13.64
N HIS D 111 -6.23 -37.92 13.04
CA HIS D 111 -4.96 -38.67 13.00
C HIS D 111 -4.07 -38.24 14.17
N GLY D 112 -4.62 -37.51 15.13
CA GLY D 112 -3.86 -37.12 16.33
C GLY D 112 -3.02 -35.88 16.15
N GLY D 113 -3.29 -35.11 15.10
CA GLY D 113 -2.51 -33.90 14.81
C GLY D 113 -3.33 -32.63 14.88
N THR D 114 -2.74 -31.53 14.44
CA THR D 114 -3.43 -30.21 14.46
C THR D 114 -3.11 -29.51 13.15
N LEU D 115 -4.14 -29.09 12.42
CA LEU D 115 -3.88 -28.33 11.19
C LEU D 115 -3.94 -26.82 11.44
N ILE D 116 -2.92 -26.11 10.96
CA ILE D 116 -2.97 -24.63 10.97
C ILE D 116 -3.12 -24.28 9.49
N ALA D 117 -4.22 -23.63 9.15
CA ALA D 117 -4.47 -23.24 7.75
C ALA D 117 -3.71 -21.97 7.39
N GLY D 118 -3.22 -21.90 6.15
CA GLY D 118 -2.45 -20.75 5.70
C GLY D 118 -2.66 -20.38 4.26
N GLY D 119 -2.74 -19.08 3.98
CA GLY D 119 -2.88 -18.59 2.61
C GLY D 119 -1.85 -17.51 2.34
N VAL D 120 -0.81 -17.86 1.59
CA VAL D 120 0.31 -16.90 1.33
C VAL D 120 -0.14 -15.88 0.28
N THR D 121 -0.17 -14.60 0.67
CA THR D 121 -0.63 -13.51 -0.23
C THR D 121 0.58 -12.89 -0.94
N CYS D 122 1.58 -13.69 -1.24
CA CYS D 122 2.81 -13.21 -1.92
C CYS D 122 3.24 -14.18 -3.00
N PRO D 123 3.98 -13.72 -4.02
CA PRO D 123 4.54 -14.64 -5.01
C PRO D 123 5.74 -15.39 -4.40
N PRO D 124 6.39 -16.36 -5.11
CA PRO D 124 7.57 -17.01 -4.53
C PRO D 124 8.69 -15.99 -4.26
N SER D 125 8.84 -15.00 -5.11
CA SER D 125 9.92 -13.98 -5.00
C SER D 125 9.76 -13.16 -3.71
N GLY D 126 8.60 -13.26 -3.06
CA GLY D 126 8.34 -12.48 -1.83
C GLY D 126 8.50 -13.30 -0.58
N ILE D 127 8.71 -14.61 -0.73
CA ILE D 127 8.97 -15.46 0.47
C ILE D 127 10.32 -15.03 1.04
N GLY D 128 10.32 -14.55 2.28
CA GLY D 128 11.53 -14.05 2.94
C GLY D 128 11.39 -12.61 3.32
N SER D 129 10.60 -11.86 2.56
CA SER D 129 10.49 -10.41 2.84
C SER D 129 9.35 -10.17 3.82
N PRO D 130 9.55 -9.36 4.89
CA PRO D 130 8.47 -9.04 5.81
C PRO D 130 7.54 -8.06 5.10
N GLU D 131 7.78 -7.79 3.84
CA GLU D 131 6.86 -6.98 3.01
C GLU D 131 5.73 -7.91 2.59
N SER D 132 5.95 -9.22 2.70
CA SER D 132 4.95 -10.22 2.30
C SER D 132 4.11 -10.68 3.49
N SER D 133 2.87 -11.09 3.23
CA SER D 133 1.94 -11.48 4.31
C SER D 133 1.26 -12.82 3.99
N ALA D 134 0.78 -13.51 5.02
CA ALA D 134 0.03 -14.78 4.83
C ALA D 134 -1.03 -14.85 5.91
N PHE D 135 -2.21 -15.32 5.54
CA PHE D 135 -3.31 -15.47 6.50
C PHE D 135 -3.17 -16.81 7.20
N TYR D 136 -3.36 -16.84 8.51
CA TYR D 136 -3.27 -18.11 9.27
C TYR D 136 -4.55 -18.28 10.11
N SER D 137 -4.98 -19.53 10.24
CA SER D 137 -6.23 -19.82 10.99
C SER D 137 -6.17 -21.22 11.60
N GLY D 138 -6.89 -21.43 12.68
CA GLY D 138 -6.81 -22.71 13.38
C GLY D 138 -6.37 -22.56 14.81
N PRO D 139 -6.26 -23.65 15.62
CA PRO D 139 -5.89 -23.55 17.04
C PRO D 139 -4.78 -22.54 17.40
N SER D 140 -5.17 -21.46 18.09
CA SER D 140 -4.22 -20.38 18.49
C SER D 140 -2.96 -20.94 19.12
N ALA D 141 -3.10 -21.83 20.09
CA ALA D 141 -1.93 -22.39 20.79
C ALA D 141 -0.89 -22.91 19.79
N ALA D 142 -1.30 -23.74 18.84
CA ALA D 142 -0.39 -24.31 17.84
C ALA D 142 0.18 -23.21 16.94
N PHE D 143 -0.64 -22.24 16.58
CA PHE D 143 -0.14 -21.10 15.78
C PHE D 143 0.93 -20.37 16.59
N GLU D 144 0.59 -19.95 17.80
CA GLU D 144 1.54 -19.21 18.66
C GLU D 144 2.83 -20.03 18.83
N ARG D 145 2.72 -21.34 18.99
CA ARG D 145 3.90 -22.21 19.18
C ARG D 145 4.84 -22.12 17.99
N HIS D 146 4.32 -21.97 16.78
CA HIS D 146 5.17 -22.04 15.57
C HIS D 146 5.12 -20.74 14.75
N ARG D 147 4.59 -19.67 15.31
CA ARG D 147 4.47 -18.35 14.63
C ARG D 147 5.83 -17.81 14.19
N GLU D 148 6.86 -17.98 15.01
CA GLU D 148 8.19 -17.38 14.70
C GLU D 148 8.86 -18.13 13.55
N THR D 149 8.59 -19.43 13.41
CA THR D 149 9.15 -20.19 12.26
C THR D 149 8.43 -19.73 10.99
N LEU D 150 7.15 -19.39 11.09
CA LEU D 150 6.34 -18.96 9.92
C LEU D 150 6.72 -17.54 9.50
N ARG D 151 7.26 -16.75 10.43
CA ARG D 151 7.65 -15.34 10.15
C ARG D 151 8.90 -15.29 9.28
N THR D 152 9.58 -16.42 9.11
CA THR D 152 10.76 -16.49 8.20
C THR D 152 10.26 -16.38 6.75
N LEU D 153 9.12 -16.99 6.45
CA LEU D 153 8.55 -16.93 5.10
C LEU D 153 7.84 -15.60 4.89
N THR D 154 6.91 -15.27 5.77
CA THR D 154 6.09 -14.07 5.59
C THR D 154 5.58 -13.56 6.94
N ARG D 155 5.08 -12.34 6.96
CA ARG D 155 4.44 -11.86 8.19
C ARG D 155 3.18 -12.70 8.43
N THR D 156 2.68 -12.70 9.66
CA THR D 156 1.54 -13.56 10.01
C THR D 156 0.29 -12.71 10.24
N ASP D 157 -0.82 -13.04 9.58
CA ASP D 157 -2.11 -12.32 9.76
C ASP D 157 -3.15 -13.34 10.23
N TYR D 158 -3.24 -13.55 11.54
CA TYR D 158 -4.16 -14.55 12.11
C TYR D 158 -5.61 -14.08 11.93
N ARG D 159 -6.44 -14.94 11.36
CA ARG D 159 -7.82 -14.51 11.05
C ARG D 159 -8.81 -15.21 11.97
N GLY D 160 -8.34 -16.05 12.86
CA GLY D 160 -9.23 -16.71 13.83
C GLY D 160 -8.94 -18.19 14.06
N GLU D 161 -9.74 -18.82 14.90
CA GLU D 161 -9.50 -20.25 15.27
C GLU D 161 -10.14 -21.21 14.27
N ASP D 162 -11.06 -20.73 13.45
CA ASP D 162 -11.68 -21.56 12.38
C ASP D 162 -10.65 -21.68 11.25
N PRO D 163 -10.16 -22.90 10.90
CA PRO D 163 -9.15 -23.05 9.86
C PRO D 163 -9.63 -22.56 8.50
N GLY D 164 -10.93 -22.55 8.27
CA GLY D 164 -11.42 -22.05 6.99
C GLY D 164 -11.27 -20.55 6.83
N LEU D 165 -10.93 -19.83 7.90
CA LEU D 165 -10.93 -18.35 7.81
C LEU D 165 -9.78 -17.85 6.94
N ALA D 166 -8.60 -18.43 7.06
CA ALA D 166 -7.45 -18.04 6.21
C ALA D 166 -7.77 -18.28 4.74
N ALA D 167 -8.43 -19.39 4.44
CA ALA D 167 -8.83 -19.71 3.06
C ALA D 167 -9.85 -18.69 2.55
N LEU D 168 -10.83 -18.30 3.36
CA LEU D 168 -11.83 -17.30 2.96
C LEU D 168 -11.12 -15.99 2.64
N TRP D 169 -10.23 -15.55 3.53
CA TRP D 169 -9.52 -14.27 3.36
C TRP D 169 -8.66 -14.32 2.08
N TYR D 170 -8.00 -15.44 1.83
CA TYR D 170 -7.18 -15.62 0.61
C TYR D 170 -8.06 -15.53 -0.63
N GLN D 171 -9.24 -16.16 -0.61
CA GLN D 171 -10.17 -16.16 -1.77
C GLN D 171 -10.75 -14.76 -1.98
N ILE D 172 -10.94 -13.99 -0.91
CA ILE D 172 -11.48 -12.61 -1.01
C ILE D 172 -10.47 -11.75 -1.78
N GLY D 173 -9.18 -11.91 -1.50
CA GLY D 173 -8.17 -11.17 -2.28
C GLY D 173 -7.99 -11.72 -3.67
N MET D 174 -7.94 -13.04 -3.81
CA MET D 174 -7.66 -13.70 -5.12
C MET D 174 -8.78 -13.47 -6.15
N VAL D 175 -10.01 -13.24 -5.73
CA VAL D 175 -11.08 -12.92 -6.72
C VAL D 175 -10.71 -11.60 -7.39
N MET D 176 -10.23 -10.65 -6.60
CA MET D 176 -9.84 -9.34 -7.16
C MET D 176 -8.53 -9.50 -7.92
N TRP D 177 -7.59 -10.27 -7.38
CA TRP D 177 -6.27 -10.46 -8.02
C TRP D 177 -6.44 -11.07 -9.40
N TRP D 178 -7.10 -12.22 -9.46
CA TRP D 178 -7.28 -12.95 -10.74
C TRP D 178 -8.06 -12.11 -11.74
N ASN D 179 -9.04 -11.36 -11.28
CA ASN D 179 -9.90 -10.59 -12.20
C ASN D 179 -9.05 -9.53 -12.89
N ALA D 180 -8.21 -8.85 -12.12
CA ALA D 180 -7.36 -7.76 -12.67
C ALA D 180 -6.29 -8.35 -13.59
N MET D 181 -5.73 -9.49 -13.21
CA MET D 181 -4.69 -10.16 -14.01
C MET D 181 -5.29 -10.72 -15.29
N LEU D 182 -6.53 -11.20 -15.24
CA LEU D 182 -7.21 -11.66 -16.47
C LEU D 182 -7.48 -10.43 -17.34
N GLY D 183 -7.84 -9.30 -16.72
CA GLY D 183 -8.00 -8.04 -17.46
C GLY D 183 -6.70 -7.61 -18.11
N TYR D 184 -5.56 -7.78 -17.42
CA TYR D 184 -4.24 -7.46 -18.01
C TYR D 184 -4.03 -8.29 -19.27
N LEU D 185 -4.33 -9.58 -19.18
CA LEU D 185 -4.22 -10.47 -20.36
C LEU D 185 -5.10 -9.94 -21.51
N GLN D 186 -6.29 -9.40 -21.21
CA GLN D 186 -7.22 -8.85 -22.25
C GLN D 186 -6.65 -7.55 -22.82
N ALA D 187 -6.02 -6.74 -21.99
CA ALA D 187 -5.39 -5.49 -22.45
C ALA D 187 -4.21 -5.79 -23.38
N VAL D 188 -3.42 -6.81 -23.07
CA VAL D 188 -2.21 -7.15 -23.86
C VAL D 188 -2.64 -7.68 -25.23
N ALA D 189 -3.73 -8.44 -25.29
CA ALA D 189 -4.27 -8.95 -26.57
C ALA D 189 -4.83 -7.79 -27.39
N LEU D 190 -5.61 -6.90 -26.78
CA LEU D 190 -6.10 -5.70 -27.49
C LEU D 190 -4.89 -4.95 -28.03
N ALA D 191 -3.84 -4.83 -27.22
CA ALA D 191 -2.64 -4.10 -27.63
C ALA D 191 -1.94 -4.82 -28.78
N ASP D 192 -1.71 -6.12 -28.65
CA ASP D 192 -1.06 -6.93 -29.73
C ASP D 192 -1.80 -6.76 -31.05
N ALA D 193 -3.12 -6.63 -30.99
CA ALA D 193 -3.93 -6.49 -32.21
C ALA D 193 -3.83 -5.07 -32.76
N ASN D 194 -3.22 -4.17 -32.00
CA ASN D 194 -3.14 -2.76 -32.43
C ASN D 194 -1.66 -2.34 -32.49
N GLY D 195 -0.76 -3.29 -32.74
CA GLY D 195 0.67 -2.98 -32.91
C GLY D 195 1.36 -2.63 -31.61
N LEU D 196 0.68 -2.82 -30.47
CA LEU D 196 1.27 -2.41 -29.16
C LEU D 196 1.71 -3.63 -28.37
N LYS D 197 2.88 -3.54 -27.76
CA LYS D 197 3.35 -4.66 -26.92
C LYS D 197 2.88 -4.42 -25.49
N ALA D 198 3.01 -5.43 -24.63
CA ALA D 198 2.65 -5.23 -23.22
C ALA D 198 3.54 -4.16 -22.61
N ALA D 199 4.78 -4.07 -23.05
CA ALA D 199 5.73 -3.09 -22.49
C ALA D 199 5.30 -1.67 -22.84
N ASP D 200 4.54 -1.53 -23.93
CA ASP D 200 4.05 -0.20 -24.35
C ASP D 200 2.83 0.17 -23.50
N ILE D 201 2.13 -0.82 -22.96
CA ILE D 201 0.88 -0.56 -22.20
C ILE D 201 1.11 -0.71 -20.71
N LEU D 202 2.24 -1.28 -20.31
CA LEU D 202 2.57 -1.53 -18.88
C LEU D 202 2.48 -0.24 -18.05
N PRO D 203 3.06 0.94 -18.43
CA PRO D 203 2.87 2.14 -17.62
C PRO D 203 1.39 2.44 -17.30
N HIS D 204 0.56 2.64 -18.33
CA HIS D 204 -0.90 2.91 -18.13
C HIS D 204 -1.55 1.83 -17.26
N ALA D 205 -1.31 0.56 -17.57
CA ALA D 205 -1.84 -0.55 -16.76
C ALA D 205 -1.43 -0.38 -15.31
N SER D 206 -0.18 -0.02 -15.10
CA SER D 206 0.35 0.08 -13.73
C SER D 206 -0.21 1.32 -13.06
N ASP D 207 -0.40 2.39 -13.80
CA ASP D 207 -1.04 3.61 -13.23
C ASP D 207 -2.49 3.30 -12.88
N THR D 208 -3.21 2.57 -13.74
CA THR D 208 -4.65 2.29 -13.53
C THR D 208 -4.85 1.42 -12.29
N VAL D 209 -4.06 0.37 -12.15
CA VAL D 209 -4.20 -0.56 -11.00
C VAL D 209 -3.73 0.12 -9.70
N ALA D 210 -2.81 1.07 -9.80
CA ALA D 210 -2.28 1.77 -8.62
C ALA D 210 -3.28 2.79 -8.08
N GLY D 211 -4.21 3.25 -8.92
CA GLY D 211 -5.26 4.19 -8.49
C GLY D 211 -6.45 3.47 -7.91
N LEU D 212 -6.49 2.15 -8.02
CA LEU D 212 -7.63 1.35 -7.53
C LEU D 212 -7.85 1.54 -6.03
N PRO D 213 -6.85 1.51 -5.13
CA PRO D 213 -7.12 1.72 -3.70
C PRO D 213 -8.07 2.89 -3.38
N PHE D 214 -8.00 3.98 -4.14
CA PHE D 214 -8.90 5.14 -3.95
C PHE D 214 -10.34 4.73 -4.19
N PHE D 215 -10.58 4.02 -5.29
CA PHE D 215 -11.95 3.62 -5.68
C PHE D 215 -12.45 2.52 -4.75
N LEU D 216 -11.55 1.74 -4.18
CA LEU D 216 -11.96 0.68 -3.23
C LEU D 216 -12.49 1.36 -1.96
N ARG D 217 -11.78 2.36 -1.44
CA ARG D 217 -12.24 3.09 -0.24
C ARG D 217 -13.51 3.88 -0.53
N PHE D 218 -13.55 4.59 -1.66
CA PHE D 218 -14.72 5.44 -2.00
C PHE D 218 -16.01 4.63 -1.92
N TYR D 219 -16.00 3.41 -2.46
CA TYR D 219 -17.25 2.61 -2.54
C TYR D 219 -17.40 1.73 -1.30
N ALA D 220 -16.39 1.65 -0.44
CA ALA D 220 -16.44 0.76 0.74
C ALA D 220 -17.54 1.17 1.72
N ASP D 221 -17.36 2.28 2.42
CA ASP D 221 -18.34 2.70 3.45
C ASP D 221 -19.67 3.03 2.78
N ARG D 222 -19.66 3.48 1.52
CA ARG D 222 -20.92 3.70 0.79
C ARG D 222 -21.70 2.38 0.70
N ILE D 223 -21.04 1.30 0.28
CA ILE D 223 -21.70 -0.03 0.14
C ILE D 223 -22.13 -0.49 1.53
N ASP D 224 -21.29 -0.26 2.53
CA ASP D 224 -21.59 -0.69 3.90
C ASP D 224 -22.84 0.02 4.42
N THR D 225 -23.04 1.26 4.00
CA THR D 225 -24.20 2.08 4.44
C THR D 225 -25.33 2.04 3.42
N GLY D 226 -25.15 1.31 2.32
CA GLY D 226 -26.19 1.18 1.29
C GLY D 226 -26.30 2.39 0.38
N HIS D 227 -25.26 3.20 0.28
CA HIS D 227 -25.33 4.43 -0.54
C HIS D 227 -24.92 4.12 -1.97
N HIS D 228 -25.90 3.95 -2.85
CA HIS D 228 -25.62 3.61 -4.26
C HIS D 228 -26.06 4.77 -5.14
N GLY D 229 -25.72 5.98 -4.73
CA GLY D 229 -26.05 7.17 -5.53
C GLY D 229 -25.17 7.31 -6.75
N GLY D 230 -25.72 7.84 -7.83
CA GLY D 230 -24.94 8.08 -9.04
C GLY D 230 -24.28 9.44 -9.02
N ASP D 231 -23.81 9.86 -7.85
CA ASP D 231 -23.18 11.19 -7.69
C ASP D 231 -21.84 11.21 -8.42
N ALA D 232 -21.17 10.06 -8.49
CA ALA D 232 -19.90 9.97 -9.24
C ALA D 232 -20.07 9.07 -10.46
N ASP D 233 -20.95 8.09 -10.41
CA ASP D 233 -21.04 7.14 -11.55
C ASP D 233 -22.44 6.60 -11.70
N ARG D 234 -22.91 6.47 -12.93
CA ARG D 234 -24.22 5.82 -13.15
C ARG D 234 -23.94 4.46 -13.78
N LEU D 235 -24.59 3.42 -13.29
CA LEU D 235 -24.43 2.06 -13.87
C LEU D 235 -24.65 2.09 -15.38
N ALA D 236 -25.58 2.92 -15.87
CA ALA D 236 -25.92 2.99 -17.31
C ALA D 236 -24.72 3.44 -18.12
N MET D 237 -23.98 4.43 -17.63
CA MET D 237 -22.76 4.85 -18.34
C MET D 237 -21.68 3.77 -18.24
N GLY D 238 -21.62 3.02 -17.13
CA GLY D 238 -20.67 1.91 -16.99
C GLY D 238 -21.04 0.77 -17.91
N THR D 239 -22.33 0.52 -18.10
CA THR D 239 -22.79 -0.54 -19.02
C THR D 239 -22.33 -0.17 -20.42
N ALA D 240 -22.47 1.10 -20.78
CA ALA D 240 -21.95 1.55 -22.08
C ALA D 240 -20.43 1.39 -22.12
N SER D 241 -19.72 1.79 -21.06
CA SER D 241 -18.24 1.70 -20.98
C SER D 241 -17.75 0.26 -21.18
N VAL D 242 -18.38 -0.69 -20.49
CA VAL D 242 -17.97 -2.12 -20.57
C VAL D 242 -18.39 -2.67 -21.93
N GLU D 243 -19.44 -2.12 -22.52
CA GLU D 243 -19.85 -2.54 -23.88
C GLU D 243 -18.85 -1.97 -24.86
N HIS D 244 -18.32 -0.80 -24.57
CA HIS D 244 -17.29 -0.19 -25.44
C HIS D 244 -16.09 -1.13 -25.42
N ILE D 245 -15.72 -1.64 -24.24
CA ILE D 245 -14.63 -2.63 -24.14
C ILE D 245 -14.96 -3.82 -25.04
N LEU D 246 -16.16 -4.39 -24.91
CA LEU D 246 -16.56 -5.59 -25.67
C LEU D 246 -16.39 -5.38 -27.17
N HIS D 247 -16.88 -4.28 -27.69
CA HIS D 247 -16.85 -4.07 -29.16
C HIS D 247 -15.44 -3.65 -29.59
N THR D 248 -14.69 -2.94 -28.75
CA THR D 248 -13.28 -2.62 -29.07
C THR D 248 -12.53 -3.94 -29.25
N MET D 249 -12.78 -4.89 -28.35
CA MET D 249 -12.14 -6.23 -28.43
C MET D 249 -12.61 -6.95 -29.70
N ALA D 250 -13.93 -6.99 -29.93
CA ALA D 250 -14.50 -7.65 -31.11
C ALA D 250 -14.02 -7.00 -32.41
N ASP D 251 -13.94 -5.67 -32.45
CA ASP D 251 -13.51 -4.96 -33.67
C ASP D 251 -12.03 -5.27 -33.96
N SER D 252 -11.22 -5.48 -32.93
CA SER D 252 -9.77 -5.72 -33.12
C SER D 252 -9.48 -7.21 -33.30
N GLY D 253 -10.50 -8.07 -33.21
CA GLY D 253 -10.32 -9.51 -33.43
C GLY D 253 -9.94 -10.26 -32.17
N VAL D 254 -10.06 -9.63 -31.02
CA VAL D 254 -9.64 -10.24 -29.73
C VAL D 254 -10.80 -11.03 -29.12
N ASP D 255 -10.51 -12.06 -28.33
CA ASP D 255 -11.57 -12.86 -27.67
C ASP D 255 -12.47 -11.98 -26.81
N THR D 256 -13.77 -12.28 -26.80
CA THR D 256 -14.76 -11.42 -26.12
C THR D 256 -15.45 -12.13 -24.95
N ALA D 257 -15.01 -13.32 -24.57
CA ALA D 257 -15.69 -14.12 -23.53
C ALA D 257 -15.81 -13.35 -22.22
N LEU D 258 -14.67 -12.89 -21.72
CA LEU D 258 -14.66 -12.16 -20.43
C LEU D 258 -15.36 -10.80 -20.58
N PRO D 259 -15.09 -9.93 -21.59
CA PRO D 259 -15.89 -8.70 -21.72
C PRO D 259 -17.40 -8.94 -21.80
N GLU D 260 -17.85 -10.04 -22.41
CA GLU D 260 -19.29 -10.35 -22.57
C GLU D 260 -19.92 -10.70 -21.22
N ALA D 261 -19.19 -11.40 -20.37
CA ALA D 261 -19.70 -11.78 -19.03
C ALA D 261 -19.89 -10.53 -18.19
N VAL D 262 -19.02 -9.55 -18.37
CA VAL D 262 -19.10 -8.27 -17.63
C VAL D 262 -20.27 -7.45 -18.17
N VAL D 263 -20.40 -7.34 -19.49
CA VAL D 263 -21.56 -6.61 -20.11
C VAL D 263 -22.85 -7.23 -19.60
N ALA D 264 -22.96 -8.56 -19.64
CA ALA D 264 -24.17 -9.25 -19.20
C ALA D 264 -24.47 -8.98 -17.73
N PHE D 265 -23.43 -8.82 -16.90
CA PHE D 265 -23.60 -8.56 -15.45
C PHE D 265 -24.18 -7.17 -15.25
N PHE D 266 -23.73 -6.21 -16.04
CA PHE D 266 -24.21 -4.82 -15.96
C PHE D 266 -25.64 -4.74 -16.49
N ARG D 267 -25.97 -5.53 -17.51
CA ARG D 267 -27.32 -5.51 -18.10
C ARG D 267 -28.29 -6.12 -17.09
N ARG D 268 -27.86 -7.14 -16.36
CA ARG D 268 -28.68 -7.71 -15.26
C ARG D 268 -28.95 -6.61 -14.23
N GLY D 269 -27.97 -5.76 -13.94
CA GLY D 269 -28.16 -4.64 -13.00
C GLY D 269 -29.12 -3.62 -13.52
N GLU D 270 -29.02 -3.31 -14.81
CA GLU D 270 -29.96 -2.36 -15.44
C GLU D 270 -31.35 -2.96 -15.34
N ALA D 271 -31.46 -4.27 -15.55
CA ALA D 271 -32.75 -4.98 -15.47
C ALA D 271 -33.26 -4.99 -14.02
N ALA D 272 -32.36 -4.89 -13.05
CA ALA D 272 -32.77 -4.83 -11.63
C ALA D 272 -33.19 -3.41 -11.24
N GLY D 273 -33.04 -2.44 -12.14
CA GLY D 273 -33.51 -1.06 -11.87
C GLY D 273 -32.43 -0.15 -11.33
N TYR D 274 -31.16 -0.52 -11.47
CA TYR D 274 -30.07 0.27 -10.87
C TYR D 274 -29.38 1.18 -11.89
N ALA D 275 -30.02 1.48 -13.01
CA ALA D 275 -29.41 2.26 -14.11
C ALA D 275 -28.96 3.65 -13.66
N GLU D 276 -29.78 4.35 -12.86
CA GLU D 276 -29.46 5.72 -12.40
C GLU D 276 -28.60 5.64 -11.14
N ASN D 277 -28.50 4.45 -10.57
CA ASN D 277 -27.66 4.24 -9.36
C ASN D 277 -26.22 3.93 -9.77
N SER D 278 -25.30 3.98 -8.81
CA SER D 278 -23.88 3.63 -9.07
C SER D 278 -23.74 2.14 -9.34
N PHE D 279 -22.77 1.74 -10.16
CA PHE D 279 -22.45 0.31 -10.45
C PHE D 279 -22.29 -0.50 -9.16
N SER D 280 -21.94 0.16 -8.06
CA SER D 280 -21.79 -0.50 -6.73
C SER D 280 -23.08 -1.22 -6.36
N SER D 281 -24.20 -0.74 -6.88
CA SER D 281 -25.52 -1.34 -6.60
C SER D 281 -25.55 -2.83 -6.92
N MET D 282 -24.72 -3.27 -7.86
CA MET D 282 -24.75 -4.69 -8.30
C MET D 282 -24.15 -5.60 -7.24
N VAL D 283 -23.67 -5.04 -6.13
CA VAL D 283 -23.19 -5.89 -4.99
C VAL D 283 -24.39 -6.63 -4.42
N GLU D 284 -25.59 -6.08 -4.59
CA GLU D 284 -26.83 -6.71 -4.07
C GLU D 284 -27.22 -7.93 -4.92
N LEU D 285 -26.97 -7.86 -6.22
CA LEU D 285 -27.24 -9.02 -7.12
C LEU D 285 -26.20 -10.10 -6.89
N LEU D 286 -25.03 -9.73 -6.38
CA LEU D 286 -23.98 -10.73 -6.05
C LEU D 286 -24.26 -11.35 -4.68
N LYS D 287 -24.90 -10.61 -3.78
CA LYS D 287 -25.23 -11.15 -2.43
C LYS D 287 -26.27 -12.25 -2.58
N LYS D 288 -27.10 -12.19 -3.63
CA LYS D 288 -28.07 -13.27 -3.99
C LYS D 288 -28.57 -14.03 -2.75
PA NDP E . -4.94 5.87 29.81
O1A NDP E . -3.75 6.42 30.49
O2A NDP E . -5.72 6.74 28.89
O5B NDP E . -5.94 5.24 30.89
C5B NDP E . -5.54 4.05 31.60
C4B NDP E . -6.31 3.91 32.90
O4B NDP E . -5.42 4.07 34.01
C3B NDP E . -7.47 4.89 33.16
O3B NDP E . -8.70 4.16 33.14
C2B NDP E . -7.16 5.51 34.53
O2B NDP E . -8.31 5.58 35.36
C1B NDP E . -6.17 4.50 35.10
N9A NDP E . -5.27 5.03 36.12
C8A NDP E . -4.12 5.77 35.90
N7A NDP E . -3.50 6.09 37.01
C5A NDP E . -4.27 5.52 38.02
C6A NDP E . -4.14 5.50 39.42
N6A NDP E . -3.14 6.09 40.07
N1A NDP E . -5.08 4.85 40.13
C2A NDP E . -6.08 4.26 39.47
N3A NDP E . -6.32 4.21 38.15
C4A NDP E . -5.36 4.87 37.48
O3 NDP E . -4.45 4.59 29.01
PN NDP E . -4.99 3.72 27.77
O1N NDP E . -6.30 3.13 28.15
O2N NDP E . -4.90 4.56 26.54
O5D NDP E . -3.88 2.58 27.72
C5D NDP E . -3.47 1.94 28.94
C4D NDP E . -2.07 1.40 28.78
O4D NDP E . -1.99 0.63 27.55
C3D NDP E . -0.95 2.45 28.72
O3D NDP E . 0.16 2.05 29.49
C2D NDP E . -0.65 2.52 27.23
O2D NDP E . 0.70 2.88 26.96
C1D NDP E . -0.95 1.12 26.75
N1N NDP E . -1.40 1.08 25.33
C2N NDP E . -2.23 2.04 24.81
C3N NDP E . -2.77 1.91 23.55
C7N NDP E . -3.71 2.94 23.04
O7N NDP E . -4.21 3.75 23.80
N7N NDP E . -3.97 2.92 21.74
C4N NDP E . -2.43 0.73 22.74
C5N NDP E . -1.62 -0.26 23.44
C6N NDP E . -0.97 0.07 24.52
P2B NDP E . -9.18 6.92 35.17
O1X NDP E . -8.27 7.99 34.65
O2X NDP E . -9.69 7.21 36.55
O3X NDP E . -10.32 6.65 34.23
CAD 4IS F . -1.28 1.59 18.21
CAE 4IS F . -0.48 0.43 17.70
CAF 4IS F . -0.75 1.83 19.46
CAG 4IS F . -0.15 -0.30 18.96
CAH 4IS F . -0.86 2.97 20.13
CAI 4IS F . -0.23 3.10 21.36
CAJ 4IS F . -1.61 4.02 19.64
CAK 4IS F . -1.71 5.21 20.35
CAL 4IS F . -0.32 4.27 22.08
CAM 4IS F . -1.07 5.33 21.58
FAA 4IS F . 0.47 2.10 21.83
FAB 4IS F . -2.40 6.19 19.90
NAC 4IS F . -0.09 0.77 19.95
PA NDP G . 24.74 10.45 -3.99
O1A NDP G . 24.13 11.70 -3.47
O2A NDP G . 25.92 9.89 -3.31
O5B NDP G . 25.07 10.62 -5.55
C5B NDP G . 24.88 11.93 -6.13
C4B NDP G . 25.98 12.25 -7.10
O4B NDP G . 26.65 13.48 -6.71
C3B NDP G . 27.10 11.22 -7.29
O3B NDP G . 27.05 10.72 -8.61
C2B NDP G . 28.39 12.00 -7.00
O2B NDP G . 29.43 11.68 -7.91
C1B NDP G . 27.94 13.42 -7.25
N9A NDP G . 28.80 14.45 -6.68
C8A NDP G . 29.77 14.30 -5.72
N7A NDP G . 30.40 15.40 -5.44
C5A NDP G . 29.82 16.35 -6.28
C6A NDP G . 30.05 17.73 -6.46
N6A NDP G . 30.97 18.41 -5.78
N1A NDP G . 29.30 18.38 -7.38
C2A NDP G . 28.38 17.68 -8.06
N3A NDP G . 28.08 16.40 -7.97
C4A NDP G . 28.84 15.77 -7.05
O3 NDP G . 23.61 9.32 -4.01
PN NDP G . 22.25 9.07 -4.79
O1N NDP G . 22.57 8.86 -6.23
O2N NDP G . 21.51 8.02 -4.07
O5D NDP G . 21.51 10.47 -4.61
C5D NDP G . 20.87 11.09 -5.75
C4D NDP G . 19.63 11.81 -5.30
O4D NDP G . 18.54 10.87 -5.20
C3D NDP G . 19.74 12.53 -3.93
O3D NDP G . 19.40 13.90 -4.06
C2D NDP G . 18.78 11.73 -3.05
O2D NDP G . 18.08 12.51 -2.08
C1D NDP G . 17.80 11.09 -4.02
N1N NDP G . 17.30 9.79 -3.52
C2N NDP G . 18.14 8.87 -2.92
C3N NDP G . 17.75 7.56 -2.77
C7N NDP G . 18.70 6.54 -2.27
O7N NDP G . 18.27 5.43 -1.95
N7N NDP G . 19.98 6.83 -2.19
C4N NDP G . 16.37 7.19 -3.12
C5N NDP G . 15.61 8.25 -3.77
C6N NDP G . 15.98 9.49 -3.64
P2B NDP G . 30.68 11.01 -7.18
O1X NDP G . 30.66 11.25 -5.70
O2X NDP G . 30.62 9.55 -7.51
O3X NDP G . 31.85 11.70 -7.84
CAD 4IS H . 17.23 7.41 1.37
CAE 4IS H . 18.30 6.70 2.15
CAF 4IS H . 16.44 6.40 0.82
CAG 4IS H . 18.25 5.28 1.68
CAH 4IS H . 15.28 6.63 0.22
CAI 4IS H . 14.93 7.90 -0.23
CAJ 4IS H . 14.38 5.59 0.03
CAK 4IS H . 13.16 5.81 -0.59
CAL 4IS H . 13.72 8.12 -0.85
CAM 4IS H . 12.84 7.07 -1.04
FAA 4IS H . 15.74 8.87 -0.08
FAB 4IS H . 12.36 4.85 -0.75
NAC 4IS H . 16.97 5.20 0.97
PA NAP I . -23.04 10.10 -17.83
O1A NAP I . -22.47 9.23 -18.89
O2A NAP I . -23.74 9.49 -16.67
O5B NAP I . -23.95 11.22 -18.50
C5B NAP I . -23.19 12.24 -19.19
C4B NAP I . -24.09 13.08 -20.05
O4B NAP I . -24.53 12.31 -21.19
C3B NAP I . -25.37 13.62 -19.39
O3B NAP I . -25.31 15.05 -19.39
C2B NAP I . -26.50 13.02 -20.23
O2B NAP I . -27.52 13.98 -20.48
C1B NAP I . -25.80 12.76 -21.55
N9A NAP I . -26.42 11.75 -22.40
C8A NAP I . -26.43 10.40 -22.22
N7A NAP I . -27.06 9.75 -23.16
C5A NAP I . -27.49 10.74 -24.03
C6A NAP I . -28.22 10.70 -25.22
N6A NAP I . -28.66 9.58 -25.79
N1A NAP I . -28.50 11.87 -25.83
C2A NAP I . -28.06 13.01 -25.26
N3A NAP I . -27.36 13.17 -24.15
C4A NAP I . -27.11 11.99 -23.57
O3 NAP I . -21.85 10.99 -17.28
PN NAP I . -20.44 10.64 -16.62
O1N NAP I . -19.86 11.95 -16.24
O2N NAP I . -20.62 9.60 -15.58
O5D NAP I . -19.64 10.03 -17.84
C5D NAP I . -19.35 10.84 -19.01
C4D NAP I . -18.36 10.12 -19.89
O4D NAP I . -17.08 10.09 -19.22
C3D NAP I . -18.70 8.67 -20.25
O3D NAP I . -18.46 8.42 -21.63
C2D NAP I . -17.79 7.86 -19.32
O2D NAP I . -17.42 6.59 -19.82
C1D NAP I . -16.58 8.78 -19.18
N1N NAP I . -15.88 8.58 -17.88
C2N NAP I . -16.57 8.34 -16.72
C3N NAP I . -16.00 8.60 -15.50
C7N NAP I . -16.84 8.62 -14.28
O7N NAP I . -16.31 8.38 -13.20
N7N NAP I . -18.12 8.92 -14.37
C4N NAP I . -14.56 8.85 -15.44
C5N NAP I . -13.89 8.95 -16.75
C6N NAP I . -14.52 8.66 -17.85
P2B NAP I . -28.56 14.19 -19.28
O1X NAP I . -29.71 14.72 -20.08
O2X NAP I . -28.03 15.22 -18.32
O3X NAP I . -28.89 12.89 -18.60
CAD 4IS J . -15.88 4.87 -14.01
CAE 4IS J . -16.94 4.49 -13.02
CAF 4IS J . -14.81 5.30 -13.25
CAG 4IS J . -16.49 5.13 -11.72
CAH 4IS J . -13.61 5.58 -13.76
CAI 4IS J . -13.46 5.78 -15.12
CAJ 4IS J . -12.50 5.66 -12.93
CAK 4IS J . -11.26 5.95 -13.47
CAL 4IS J . -12.21 6.07 -15.65
CAM 4IS J . -11.11 6.15 -14.83
FAA 4IS J . -14.47 5.72 -15.91
FAB 4IS J . -10.30 6.01 -12.76
NAC 4IS J . -15.11 5.50 -11.96
CAD 4IS K . -1.00 -14.53 -5.24
CAE 4IS K . -0.86 -13.12 -4.79
CAF 4IS K . -0.12 -14.64 -6.32
CAG 4IS K . 0.59 -12.93 -5.05
CAH 4IS K . -0.27 -15.54 -7.28
CAI 4IS K . -1.10 -16.63 -7.04
CAJ 4IS K . 0.38 -15.44 -8.48
CAK 4IS K . 0.18 -16.40 -9.46
CAL 4IS K . -1.29 -17.60 -8.01
CAM 4IS K . -0.65 -17.48 -9.23
FAA 4IS K . -1.71 -16.75 -5.86
FAB 4IS K . 0.76 -16.30 -10.58
NAC 4IS K . 0.85 -13.73 -6.25
PA NDP L . 1.98 -26.10 -7.39
O1A NDP L . 0.58 -25.77 -7.03
O2A NDP L . 2.42 -26.02 -8.81
O5B NDP L . 2.38 -27.51 -6.77
C5B NDP L . 2.77 -27.51 -5.39
C4B NDP L . 3.29 -28.87 -5.02
O4B NDP L . 2.17 -29.77 -4.89
C3B NDP L . 4.25 -29.53 -6.02
O3B NDP L . 5.38 -30.00 -5.30
C2B NDP L . 3.41 -30.61 -6.68
O2B NDP L . 4.05 -31.83 -7.04
C1B NDP L . 2.49 -30.97 -5.53
N9A NDP L . 1.26 -31.64 -5.93
C8A NDP L . 0.34 -31.21 -6.84
N7A NDP L . -0.66 -32.04 -7.01
C5A NDP L . -0.38 -33.08 -6.13
C6A NDP L . -1.06 -34.27 -5.83
N6A NDP L . -2.20 -34.63 -6.40
N1A NDP L . -0.50 -35.10 -4.92
C2A NDP L . 0.65 -34.73 -4.35
N3A NDP L . 1.38 -33.64 -4.55
C4A NDP L . 0.80 -32.85 -5.47
O3 NDP L . 2.91 -25.13 -6.54
PN NDP L . 2.84 -23.56 -6.33
O1N NDP L . 4.03 -23.19 -5.54
O2N NDP L . 2.60 -22.92 -7.65
O5D NDP L . 1.54 -23.40 -5.42
C5D NDP L . 1.55 -23.93 -4.08
C4D NDP L . 0.31 -23.47 -3.35
O4D NDP L . 0.49 -22.10 -2.90
C3D NDP L . -1.00 -23.49 -4.16
O3D NDP L . -2.07 -23.95 -3.35
C2D NDP L . -1.15 -22.03 -4.56
O2D NDP L . -2.49 -21.63 -4.78
C1D NDP L . -0.52 -21.27 -3.40
N1N NDP L . 0.12 -20.00 -3.82
C2N NDP L . 0.78 -19.91 -5.01
C3N NDP L . 1.54 -18.83 -5.31
C7N NDP L . 2.64 -18.94 -6.29
O7N NDP L . 2.89 -20.01 -6.86
N7N NDP L . 3.27 -17.82 -6.60
C4N NDP L . 1.20 -17.54 -4.66
C5N NDP L . 0.48 -17.72 -3.41
C6N NDP L . 0.05 -18.90 -3.01
P2B NDP L . 5.33 -31.97 -8.01
O1X NDP L . 4.84 -32.22 -9.42
O2X NDP L . 5.93 -33.18 -7.40
O3X NDP L . 6.26 -30.79 -7.96
#